data_5XEB
#
_entry.id   5XEB
#
_cell.length_a   106.729
_cell.length_b   106.729
_cell.length_c   134.440
_cell.angle_alpha   90.00
_cell.angle_beta   90.00
_cell.angle_gamma   120.00
#
_symmetry.space_group_name_H-M   'P 3'
#
loop_
_entity.id
_entity.type
_entity.pdbx_description
1 polymer 'Envelope glycoprotein'
2 non-polymer 2-acetamido-2-deoxy-beta-D-glucopyranose
3 water water
#
_entity_poly.entity_id   1
_entity_poly.type   'polypeptide(L)'
_entity_poly.pdbx_seq_one_letter_code
;IEVCNKAQQQGPYTLVDYQEKPLNISRIQIKVVKTSVATKGLNFHIGYRAVWRGYCYNGGSLDKNTGCYNDLIPKSPTES
ELRTWSKSQKCCTGPDAVDAWGSDARICWAEWKMELCHTAKELKKYSNNNHFAYHTCNLSWRCGLKSTHIEVRLQASGGL
VSMVAVMPNGTLIPIEGTRPTYWTEDSFAYLYDPAGTEKKTESTFLWCFKEHIRPTTELSGAVYDTHYLGGTYDKNPQFN
YYCRDNGYYFELPANRLVCLPTSCYKREGAIVNTMHPNTWKVSEKLHSASQFDVNNVVHSLVYETEGLRLALSQLDHRFA
TLSRLFNRLTQSLAKIDDRLLGTLLGQDVSSKFISPTKFMLSPCLSTPEGDSNCHNHSIYRDGRWVHNSDPTQCFSLSKS
QPVDLYSFKELWLPQLLDVNVKGVVADEEGWSFVAQSKQALIDTMTYTKNGGKGTSLEDVLGYPSGWINGKLQG
;
_entity_poly.pdbx_strand_id   A,B,C
#
# COMPACT_ATOMS: atom_id res chain seq x y z
N CYS A 4 31.18 -21.69 -94.27
CA CYS A 4 31.82 -22.99 -94.36
C CYS A 4 30.96 -24.08 -93.70
N ASN A 5 31.31 -24.40 -92.46
CA ASN A 5 30.59 -25.33 -91.59
C ASN A 5 30.75 -26.78 -92.05
N LYS A 6 30.36 -27.72 -91.21
CA LYS A 6 30.69 -29.13 -91.37
C LYS A 6 29.42 -29.97 -91.32
N ALA A 7 29.55 -31.22 -91.77
CA ALA A 7 28.57 -32.26 -91.47
C ALA A 7 28.75 -32.81 -90.06
N GLN A 8 29.89 -32.51 -89.44
CA GLN A 8 30.06 -32.70 -88.01
C GLN A 8 28.89 -32.12 -87.23
N GLN A 9 28.40 -32.87 -86.25
CA GLN A 9 27.33 -32.41 -85.36
C GLN A 9 27.72 -32.68 -83.91
N GLN A 10 28.82 -32.06 -83.48
CA GLN A 10 29.33 -32.24 -82.13
C GLN A 10 28.35 -31.59 -81.14
N GLY A 11 27.32 -32.36 -80.80
CA GLY A 11 26.41 -32.00 -79.73
C GLY A 11 26.21 -33.25 -78.89
N PRO A 12 24.99 -33.46 -78.38
CA PRO A 12 23.86 -32.54 -78.42
C PRO A 12 23.79 -31.68 -77.17
N TYR A 13 23.43 -30.41 -77.31
CA TYR A 13 23.39 -29.49 -76.18
C TYR A 13 21.96 -29.06 -75.89
N THR A 14 21.78 -28.50 -74.69
CA THR A 14 20.47 -28.02 -74.25
C THR A 14 20.68 -26.94 -73.20
N LEU A 15 20.02 -25.81 -73.38
CA LEU A 15 20.23 -24.67 -72.50
C LEU A 15 19.69 -24.97 -71.10
N VAL A 16 20.48 -24.66 -70.08
CA VAL A 16 20.09 -24.85 -68.69
C VAL A 16 19.71 -23.50 -68.09
N ASP A 17 18.63 -23.50 -67.31
CA ASP A 17 18.21 -22.30 -66.61
C ASP A 17 18.99 -22.15 -65.31
N TYR A 18 19.19 -20.89 -64.91
CA TYR A 18 19.84 -20.61 -63.64
C TYR A 18 18.86 -20.86 -62.50
N GLN A 19 19.25 -21.73 -61.56
CA GLN A 19 18.43 -22.03 -60.40
C GLN A 19 19.17 -21.62 -59.15
N GLU A 20 18.61 -20.67 -58.41
CA GLU A 20 19.20 -20.17 -57.18
C GLU A 20 18.76 -21.01 -55.99
N LYS A 21 19.56 -20.99 -54.93
CA LYS A 21 19.19 -21.69 -53.71
C LYS A 21 18.06 -20.93 -53.03
N PRO A 22 16.90 -21.55 -52.83
CA PRO A 22 15.74 -20.82 -52.31
C PRO A 22 15.99 -20.33 -50.89
N LEU A 23 15.20 -19.34 -50.49
CA LEU A 23 15.28 -18.78 -49.15
C LEU A 23 13.88 -18.41 -48.69
N ASN A 24 13.41 -19.08 -47.65
CA ASN A 24 12.05 -18.85 -47.13
C ASN A 24 12.01 -17.70 -46.13
N ILE A 25 12.61 -16.58 -46.51
CA ILE A 25 12.62 -15.39 -45.67
C ILE A 25 11.55 -14.44 -46.20
N SER A 26 10.85 -13.79 -45.27
CA SER A 26 9.78 -12.88 -45.68
C SER A 26 9.49 -11.92 -44.54
N ARG A 27 8.97 -10.74 -44.89
CA ARG A 27 8.69 -9.67 -43.94
C ARG A 27 7.18 -9.65 -43.67
N ILE A 28 6.77 -10.10 -42.50
CA ILE A 28 5.35 -10.18 -42.15
C ILE A 28 5.04 -9.16 -41.06
N GLN A 29 3.74 -8.90 -40.90
CA GLN A 29 3.21 -8.25 -39.72
C GLN A 29 2.80 -9.32 -38.71
N ILE A 30 3.30 -9.21 -37.49
CA ILE A 30 2.98 -10.12 -36.40
C ILE A 30 2.09 -9.38 -35.41
N LYS A 31 0.90 -9.93 -35.15
CA LYS A 31 0.01 -9.35 -34.16
C LYS A 31 0.53 -9.65 -32.75
N VAL A 32 0.64 -8.62 -31.92
CA VAL A 32 1.20 -8.75 -30.59
C VAL A 32 0.37 -7.98 -29.58
N VAL A 33 0.31 -8.53 -28.36
CA VAL A 33 -0.05 -7.78 -27.17
C VAL A 33 1.23 -7.18 -26.62
N LYS A 34 1.27 -5.85 -26.55
CA LYS A 34 2.46 -5.09 -26.16
C LYS A 34 2.15 -4.30 -24.91
N THR A 35 2.89 -4.54 -23.84
CA THR A 35 2.78 -3.79 -22.60
C THR A 35 3.86 -2.71 -22.59
N SER A 36 3.45 -1.46 -22.57
CA SER A 36 4.35 -0.32 -22.64
C SER A 36 4.35 0.45 -21.33
N VAL A 37 5.34 1.32 -21.17
CA VAL A 37 5.42 2.22 -20.02
C VAL A 37 6.23 3.45 -20.43
N ALA A 38 5.73 4.63 -20.08
CA ALA A 38 6.40 5.87 -20.37
C ALA A 38 6.30 6.79 -19.16
N THR A 39 7.32 7.60 -18.95
CA THR A 39 7.37 8.53 -17.83
C THR A 39 7.69 9.93 -18.33
N LYS A 40 7.22 10.94 -17.60
CA LYS A 40 7.41 12.32 -18.02
C LYS A 40 7.49 13.23 -16.79
N GLY A 41 8.32 14.26 -16.89
CA GLY A 41 8.42 15.26 -15.86
C GLY A 41 9.30 14.82 -14.69
N LEU A 42 9.53 15.79 -13.80
CA LEU A 42 10.29 15.54 -12.57
C LEU A 42 9.44 14.70 -11.64
N ASN A 43 9.72 13.39 -11.60
CA ASN A 43 8.93 12.45 -10.82
C ASN A 43 9.73 11.75 -9.74
N PHE A 44 11.00 12.08 -9.54
CA PHE A 44 11.83 11.43 -8.54
C PHE A 44 12.48 12.48 -7.67
N HIS A 45 12.37 12.31 -6.35
CA HIS A 45 12.90 13.27 -5.39
C HIS A 45 13.79 12.55 -4.40
N ILE A 46 15.03 13.02 -4.27
CA ILE A 46 16.05 12.40 -3.43
C ILE A 46 16.47 13.40 -2.36
N GLY A 47 16.42 12.98 -1.10
CA GLY A 47 16.87 13.81 -0.01
C GLY A 47 17.79 13.04 0.91
N TYR A 48 18.70 13.77 1.56
CA TYR A 48 19.57 13.17 2.55
C TYR A 48 19.85 14.18 3.64
N ARG A 49 20.12 13.68 4.85
CA ARG A 49 20.32 14.53 6.02
C ARG A 49 20.96 13.70 7.12
N ALA A 50 21.97 14.28 7.77
CA ALA A 50 22.67 13.60 8.86
C ALA A 50 23.31 14.63 9.77
N VAL A 51 23.61 14.19 10.99
CA VAL A 51 24.15 15.06 12.03
C VAL A 51 25.47 14.48 12.52
N TRP A 52 26.51 15.32 12.54
CA TRP A 52 27.75 15.00 13.23
C TRP A 52 27.64 15.52 14.66
N ARG A 53 27.61 14.60 15.63
CA ARG A 53 27.49 14.94 17.04
C ARG A 53 28.73 14.44 17.77
N GLY A 54 29.57 15.38 18.19
CA GLY A 54 30.72 15.05 19.01
C GLY A 54 30.54 15.57 20.42
N TYR A 55 30.32 14.64 21.36
CA TYR A 55 29.99 15.01 22.74
C TYR A 55 31.11 14.52 23.65
N CYS A 56 31.86 15.46 24.23
CA CYS A 56 33.01 15.15 25.06
C CYS A 56 32.78 15.61 26.49
N TYR A 57 33.61 15.08 27.40
CA TYR A 57 33.66 15.54 28.77
C TYR A 57 35.11 15.53 29.23
N ASN A 58 35.50 16.57 29.96
CA ASN A 58 36.88 16.76 30.41
C ASN A 58 36.93 16.72 31.93
N GLY A 59 37.16 15.54 32.49
CA GLY A 59 37.33 15.39 33.92
C GLY A 59 38.73 15.05 34.38
N GLY A 60 39.72 15.11 33.49
CA GLY A 60 41.09 14.77 33.82
C GLY A 60 41.42 13.35 33.43
N SER A 61 42.73 13.08 33.37
CA SER A 61 43.21 11.73 33.08
C SER A 61 42.73 10.71 34.12
N LEU A 62 42.34 11.18 35.30
CA LEU A 62 41.93 10.28 36.37
C LEU A 62 40.47 9.88 36.26
N ASP A 63 39.63 10.74 35.71
CA ASP A 63 38.20 10.47 35.61
C ASP A 63 37.94 9.50 34.46
N LYS A 64 37.21 8.42 34.75
CA LYS A 64 36.87 7.46 33.71
C LYS A 64 35.84 8.00 32.72
N ASN A 65 35.14 9.08 33.07
CA ASN A 65 34.18 9.71 32.17
C ASN A 65 34.83 10.67 31.17
N THR A 66 36.12 10.96 31.33
CA THR A 66 36.81 11.83 30.39
C THR A 66 36.91 11.16 29.03
N GLY A 67 36.59 11.90 27.99
CA GLY A 67 36.70 11.37 26.64
C GLY A 67 35.59 11.91 25.75
N CYS A 68 35.52 11.37 24.54
CA CYS A 68 34.58 11.83 23.53
C CYS A 68 33.76 10.66 22.99
N TYR A 69 32.44 10.84 22.99
CA TYR A 69 31.51 9.97 22.29
C TYR A 69 31.01 10.73 21.07
N ASN A 70 31.41 10.28 19.88
CA ASN A 70 31.03 10.90 18.63
C ASN A 70 30.13 9.96 17.83
N ASP A 71 29.35 10.54 16.93
CA ASP A 71 28.46 9.74 16.10
C ASP A 71 28.01 10.56 14.90
N LEU A 72 27.82 9.87 13.78
CA LEU A 72 27.24 10.44 12.56
C LEU A 72 25.84 9.86 12.43
N ILE A 73 24.88 10.52 13.08
CA ILE A 73 23.50 10.05 13.17
C ILE A 73 22.78 10.31 11.85
N PRO A 74 22.29 9.27 11.17
CA PRO A 74 21.47 9.48 9.98
C PRO A 74 20.06 9.92 10.36
N LYS A 75 19.55 10.93 9.65
CA LYS A 75 18.22 11.46 9.88
C LYS A 75 17.54 11.67 8.52
N SER A 76 17.19 10.58 7.87
CA SER A 76 16.57 10.65 6.57
C SER A 76 15.19 11.30 6.68
N PRO A 77 14.79 12.12 5.71
CA PRO A 77 13.52 12.82 5.82
C PRO A 77 12.34 11.87 5.65
N THR A 78 11.20 12.27 6.22
CA THR A 78 9.96 11.53 6.00
C THR A 78 9.39 11.88 4.63
N GLU A 79 8.38 11.09 4.23
CA GLU A 79 7.68 11.38 2.98
C GLU A 79 7.06 12.78 3.01
N SER A 80 6.47 13.15 4.14
CA SER A 80 5.94 14.50 4.31
C SER A 80 7.05 15.53 4.16
N GLU A 81 8.14 15.36 4.92
CA GLU A 81 9.23 16.34 4.89
C GLU A 81 9.90 16.36 3.52
N LEU A 82 9.99 15.20 2.86
CA LEU A 82 10.61 15.16 1.54
C LEU A 82 9.74 15.88 0.51
N ARG A 83 8.42 15.76 0.61
CA ARG A 83 7.54 16.51 -0.27
C ARG A 83 7.64 18.00 0.00
N THR A 84 7.64 18.39 1.28
CA THR A 84 7.78 19.80 1.63
C THR A 84 9.09 20.38 1.09
N TRP A 85 10.19 19.64 1.23
CA TRP A 85 11.44 20.05 0.60
C TRP A 85 11.27 20.16 -0.92
N SER A 86 10.52 19.22 -1.51
CA SER A 86 10.38 19.18 -2.96
C SER A 86 9.72 20.44 -3.49
N LYS A 87 8.68 20.92 -2.80
CA LYS A 87 8.04 22.16 -3.24
C LYS A 87 8.79 23.40 -2.77
N SER A 88 9.56 23.29 -1.68
CA SER A 88 10.26 24.43 -1.11
C SER A 88 11.63 24.67 -1.74
N GLN A 89 12.21 23.67 -2.40
CA GLN A 89 13.57 23.73 -2.94
C GLN A 89 14.60 24.04 -1.86
N LYS A 90 14.35 23.58 -0.64
CA LYS A 90 15.27 23.72 0.47
C LYS A 90 15.16 22.49 1.36
N CYS A 91 16.29 22.05 1.90
CA CYS A 91 16.32 20.95 2.86
C CYS A 91 16.42 21.52 4.28
N CYS A 92 15.52 21.09 5.14
CA CYS A 92 15.42 21.65 6.49
C CYS A 92 16.17 20.76 7.49
N THR A 93 16.57 21.37 8.59
CA THR A 93 17.62 20.86 9.45
C THR A 93 17.47 21.46 10.83
N GLY A 94 18.18 20.87 11.79
CA GLY A 94 18.24 21.38 13.14
C GLY A 94 19.36 22.38 13.31
N PRO A 95 19.76 22.65 14.55
CA PRO A 95 20.79 23.65 14.81
C PRO A 95 22.20 23.06 14.84
N ASP A 96 23.16 23.84 14.35
CA ASP A 96 24.56 23.54 14.50
C ASP A 96 25.11 24.19 15.77
N ALA A 97 26.15 23.56 16.33
CA ALA A 97 26.75 24.04 17.57
C ALA A 97 28.25 23.83 17.51
N VAL A 98 29.01 24.90 17.69
CA VAL A 98 30.47 24.85 17.70
C VAL A 98 30.96 25.29 19.07
N ASP A 99 31.69 24.40 19.75
CA ASP A 99 32.34 24.70 21.02
C ASP A 99 31.33 25.16 22.08
N ALA A 100 30.21 24.45 22.15
CA ALA A 100 29.16 24.74 23.13
C ALA A 100 29.41 23.87 24.35
N TRP A 101 29.92 24.49 25.42
CA TRP A 101 30.35 23.77 26.60
C TRP A 101 29.51 24.15 27.82
N GLY A 102 29.55 23.28 28.82
CA GLY A 102 28.81 23.50 30.05
C GLY A 102 27.31 23.28 29.89
N SER A 103 26.53 24.31 30.18
CA SER A 103 25.07 24.20 30.05
C SER A 103 24.65 24.13 28.59
N ASP A 104 25.37 24.81 27.70
CA ASP A 104 25.01 24.80 26.29
C ASP A 104 25.18 23.41 25.68
N ALA A 105 26.11 22.61 26.21
CA ALA A 105 26.36 21.28 25.67
C ALA A 105 25.11 20.40 25.65
N ARG A 106 24.13 20.70 26.50
CA ARG A 106 22.90 19.93 26.51
C ARG A 106 22.16 20.00 25.18
N ILE A 107 22.50 20.96 24.31
CA ILE A 107 21.92 21.00 22.98
C ILE A 107 22.21 19.73 22.21
N CYS A 108 23.26 18.99 22.60
CA CYS A 108 23.57 17.72 21.95
C CYS A 108 22.51 16.66 22.21
N TRP A 109 21.65 16.85 23.21
CA TRP A 109 20.68 15.82 23.58
C TRP A 109 19.26 16.34 23.63
N ALA A 110 18.99 17.49 23.03
CA ALA A 110 17.63 17.99 22.87
C ALA A 110 17.02 17.41 21.61
N GLU A 111 15.74 17.08 21.67
CA GLU A 111 15.02 16.62 20.49
C GLU A 111 14.79 17.83 19.58
N TRP A 112 15.64 17.97 18.56
CA TRP A 112 15.66 19.17 17.75
C TRP A 112 14.42 19.26 16.86
N LYS A 113 14.00 20.48 16.59
CA LYS A 113 13.00 20.75 15.57
C LYS A 113 13.71 21.14 14.28
N MET A 114 13.39 20.43 13.20
CA MET A 114 14.03 20.68 11.91
C MET A 114 13.53 21.99 11.31
N GLU A 115 13.99 23.11 11.86
CA GLU A 115 13.46 24.42 11.51
C GLU A 115 14.21 25.08 10.35
N LEU A 116 15.54 25.06 10.38
CA LEU A 116 16.33 25.90 9.50
C LEU A 116 16.52 25.21 8.14
N CYS A 117 16.12 25.87 7.06
CA CYS A 117 16.15 25.25 5.75
C CYS A 117 17.21 25.91 4.86
N HIS A 118 17.75 25.12 3.92
CA HIS A 118 18.95 25.47 3.19
C HIS A 118 18.78 25.21 1.70
N THR A 119 19.47 26.02 0.89
CA THR A 119 19.75 25.62 -0.49
C THR A 119 20.69 24.43 -0.52
N ALA A 120 21.68 24.40 0.37
CA ALA A 120 22.65 23.34 0.48
C ALA A 120 23.28 23.40 1.86
N LYS A 121 23.75 22.25 2.34
CA LYS A 121 24.34 22.20 3.68
C LYS A 121 25.24 20.99 3.79
N GLU A 122 26.51 21.23 4.13
CA GLU A 122 27.47 20.19 4.45
C GLU A 122 27.97 20.39 5.87
N LEU A 123 28.26 19.30 6.56
CA LEU A 123 28.66 19.38 7.96
C LEU A 123 30.17 19.54 8.09
N LYS A 124 30.59 19.83 9.32
CA LYS A 124 32.00 19.96 9.68
C LYS A 124 32.30 19.03 10.84
N LYS A 125 33.43 18.33 10.76
CA LYS A 125 33.81 17.34 11.78
C LYS A 125 34.49 18.04 12.95
N TYR A 126 33.69 18.83 13.68
CA TYR A 126 34.20 19.56 14.83
C TYR A 126 34.28 18.66 16.06
N SER A 127 35.35 18.82 16.83
CA SER A 127 35.49 18.14 18.10
C SER A 127 36.58 18.82 18.93
N ASN A 128 36.27 19.11 20.19
CA ASN A 128 37.24 19.61 21.14
C ASN A 128 36.78 19.26 22.54
N ASN A 129 37.71 19.32 23.49
CA ASN A 129 37.44 18.83 24.84
C ASN A 129 38.33 19.55 25.86
N ASN A 130 38.45 20.87 25.72
CA ASN A 130 39.43 21.65 26.45
C ASN A 130 38.84 22.45 27.60
N HIS A 131 37.61 22.14 28.01
CA HIS A 131 36.94 22.85 29.11
C HIS A 131 36.88 21.91 30.31
N PHE A 132 37.84 22.07 31.23
CA PHE A 132 37.98 21.18 32.37
C PHE A 132 36.70 21.16 33.21
N ALA A 133 36.37 19.96 33.71
CA ALA A 133 35.19 19.72 34.53
C ALA A 133 33.88 20.06 33.81
N TYR A 134 33.90 20.08 32.48
CA TYR A 134 32.70 20.41 31.72
C TYR A 134 32.59 19.47 30.52
N HIS A 135 31.38 19.43 29.95
CA HIS A 135 31.11 18.78 28.69
C HIS A 135 31.29 19.78 27.55
N THR A 136 31.70 19.27 26.39
CA THR A 136 31.83 20.10 25.19
C THR A 136 31.09 19.42 24.06
N CYS A 137 30.13 20.12 23.47
CA CYS A 137 29.25 19.59 22.44
C CYS A 137 29.54 20.27 21.11
N ASN A 138 29.68 19.46 20.06
CA ASN A 138 29.80 19.94 18.69
C ASN A 138 28.73 19.29 17.85
N LEU A 139 27.98 20.11 17.11
CA LEU A 139 26.86 19.63 16.31
C LEU A 139 26.94 20.27 14.93
N SER A 140 26.98 19.45 13.89
CA SER A 140 27.12 19.96 12.53
C SER A 140 26.27 19.13 11.58
N TRP A 141 25.29 19.78 10.94
CA TRP A 141 24.31 19.10 10.11
C TRP A 141 24.69 19.15 8.63
N ARG A 142 24.17 18.19 7.87
CA ARG A 142 24.28 18.20 6.42
C ARG A 142 22.96 17.72 5.83
N CYS A 143 22.56 18.33 4.71
CA CYS A 143 21.36 17.91 4.00
C CYS A 143 21.48 18.29 2.53
N GLY A 144 20.71 17.58 1.70
CA GLY A 144 20.70 17.85 0.28
C GLY A 144 19.47 17.28 -0.37
N LEU A 145 19.07 17.88 -1.48
CA LEU A 145 17.85 17.49 -2.18
C LEU A 145 18.05 17.68 -3.68
N LYS A 146 17.61 16.70 -4.47
CA LYS A 146 17.57 16.83 -5.91
C LYS A 146 16.26 16.29 -6.44
N SER A 147 15.62 17.06 -7.31
CA SER A 147 14.43 16.64 -8.03
C SER A 147 14.82 16.36 -9.48
N THR A 148 14.45 15.18 -9.97
CA THR A 148 14.90 14.73 -11.27
C THR A 148 13.86 13.80 -11.88
N HIS A 149 14.19 13.25 -13.04
CA HIS A 149 13.31 12.39 -13.82
C HIS A 149 13.87 10.98 -13.86
N ILE A 150 13.12 10.03 -13.30
CA ILE A 150 13.48 8.63 -13.31
C ILE A 150 12.66 7.94 -14.40
N GLU A 151 13.19 6.83 -14.91
CA GLU A 151 12.54 6.07 -15.97
C GLU A 151 12.09 4.73 -15.40
N VAL A 152 10.76 4.55 -15.30
CA VAL A 152 10.21 3.31 -14.79
C VAL A 152 10.39 2.20 -15.82
N ARG A 153 10.74 1.01 -15.36
CA ARG A 153 11.01 -0.11 -16.25
C ARG A 153 10.07 -1.27 -15.90
N LEU A 154 10.08 -2.29 -16.75
CA LEU A 154 9.15 -3.40 -16.63
C LEU A 154 9.87 -4.69 -16.26
N GLN A 155 9.16 -5.58 -15.58
CA GLN A 155 9.70 -6.88 -15.22
C GLN A 155 8.54 -7.83 -14.97
N ALA A 156 8.70 -9.07 -15.44
CA ALA A 156 7.65 -10.08 -15.35
C ALA A 156 8.16 -11.27 -14.57
N SER A 157 7.53 -11.57 -13.43
CA SER A 157 7.87 -12.72 -12.60
C SER A 157 6.58 -13.35 -12.12
N GLY A 158 6.36 -14.60 -12.50
CA GLY A 158 5.06 -15.22 -12.37
C GLY A 158 4.14 -14.97 -13.54
N GLY A 159 4.68 -14.44 -14.66
CA GLY A 159 3.89 -14.13 -15.83
C GLY A 159 3.25 -12.75 -15.81
N LEU A 160 3.30 -12.05 -14.69
CA LEU A 160 2.63 -10.76 -14.53
C LEU A 160 3.64 -9.64 -14.74
N VAL A 161 3.35 -8.74 -15.68
CA VAL A 161 4.24 -7.62 -15.97
C VAL A 161 3.97 -6.50 -14.98
N SER A 162 5.01 -6.07 -14.26
CA SER A 162 4.91 -5.04 -13.24
C SER A 162 6.01 -4.02 -13.43
N MET A 163 5.85 -2.87 -12.77
CA MET A 163 6.74 -1.75 -12.90
C MET A 163 7.74 -1.74 -11.75
N VAL A 164 9.02 -1.53 -12.07
CA VAL A 164 10.10 -1.48 -11.09
C VAL A 164 11.01 -0.29 -11.43
N ALA A 165 11.74 0.15 -10.41
CA ALA A 165 12.77 1.17 -10.56
C ALA A 165 14.11 0.53 -10.20
N VAL A 166 15.03 0.54 -11.15
CA VAL A 166 16.32 -0.13 -10.98
C VAL A 166 17.27 0.80 -10.26
N MET A 167 17.92 0.28 -9.23
CA MET A 167 18.92 1.03 -8.47
C MET A 167 20.33 0.58 -8.85
N PRO A 168 21.33 1.44 -8.65
CA PRO A 168 22.69 1.12 -9.14
C PRO A 168 23.22 -0.24 -8.73
N ASN A 169 22.84 -0.76 -7.58
CA ASN A 169 23.34 -2.05 -7.14
C ASN A 169 22.54 -3.22 -7.68
N GLY A 170 21.53 -2.97 -8.51
CA GLY A 170 20.77 -4.02 -9.16
C GLY A 170 19.44 -4.33 -8.53
N THR A 171 19.14 -3.79 -7.35
CA THR A 171 17.87 -4.07 -6.70
C THR A 171 16.72 -3.42 -7.47
N LEU A 172 15.67 -4.21 -7.73
CA LEU A 172 14.49 -3.71 -8.42
C LEU A 172 13.47 -3.28 -7.37
N ILE A 173 13.13 -1.99 -7.36
CA ILE A 173 12.18 -1.43 -6.40
C ILE A 173 10.78 -1.55 -7.00
N PRO A 174 9.89 -2.36 -6.41
CA PRO A 174 8.52 -2.45 -6.94
C PRO A 174 7.82 -1.11 -6.86
N ILE A 175 7.17 -0.73 -7.96
CA ILE A 175 6.52 0.57 -8.08
C ILE A 175 5.08 0.35 -8.52
N GLU A 176 4.15 1.03 -7.86
CA GLU A 176 2.75 1.04 -8.26
C GLU A 176 2.43 2.34 -8.99
N GLY A 177 1.27 2.35 -9.65
CA GLY A 177 0.89 3.44 -10.51
C GLY A 177 -0.11 4.43 -9.96
N THR A 178 -0.62 4.22 -8.75
CA THR A 178 -1.61 5.12 -8.17
C THR A 178 -1.01 6.02 -7.10
N ARG A 179 -0.51 5.44 -6.00
CA ARG A 179 0.03 6.17 -4.87
C ARG A 179 1.54 6.32 -5.01
N PRO A 180 2.11 7.45 -4.57
CA PRO A 180 3.56 7.60 -4.57
C PRO A 180 4.26 6.53 -3.74
N THR A 181 5.38 6.04 -4.27
CA THR A 181 6.22 5.08 -3.58
C THR A 181 7.36 5.82 -2.89
N TYR A 182 7.64 5.46 -1.64
CA TYR A 182 8.64 6.13 -0.84
C TYR A 182 9.46 5.09 -0.08
N TRP A 183 10.78 5.22 -0.11
CA TRP A 183 11.62 4.30 0.65
C TRP A 183 12.85 5.05 1.15
N THR A 184 13.67 4.36 1.95
CA THR A 184 14.74 5.02 2.68
C THR A 184 15.89 4.03 2.89
N GLU A 185 17.11 4.51 2.67
CA GLU A 185 18.32 3.73 2.95
C GLU A 185 19.28 4.61 3.75
N ASP A 186 19.49 4.25 5.02
CA ASP A 186 20.41 4.97 5.91
C ASP A 186 20.09 6.45 5.96
N SER A 187 20.92 7.27 5.29
CA SER A 187 20.77 8.71 5.32
C SER A 187 19.82 9.24 4.26
N PHE A 188 19.51 8.46 3.24
CA PHE A 188 18.76 8.90 2.07
C PHE A 188 17.30 8.48 2.16
N ALA A 189 16.43 9.30 1.57
CA ALA A 189 15.02 9.02 1.39
C ALA A 189 14.63 9.40 -0.04
N TYR A 190 13.94 8.48 -0.71
CA TYR A 190 13.54 8.65 -2.10
C TYR A 190 12.02 8.59 -2.21
N LEU A 191 11.47 9.48 -3.04
CA LEU A 191 10.03 9.60 -3.26
C LEU A 191 9.76 9.69 -4.76
N TYR A 192 9.02 8.71 -5.28
CA TYR A 192 8.56 8.73 -6.67
C TYR A 192 7.05 8.85 -6.69
N ASP A 193 6.53 9.78 -7.49
CA ASP A 193 5.09 9.87 -7.64
C ASP A 193 4.69 9.39 -9.03
N PRO A 194 3.69 8.51 -9.14
CA PRO A 194 3.33 7.91 -10.43
C PRO A 194 2.53 8.82 -11.34
N ALA A 195 2.37 10.09 -11.02
CA ALA A 195 1.73 11.02 -11.95
C ALA A 195 2.66 11.31 -13.11
N GLY A 196 2.09 11.46 -14.30
CA GLY A 196 2.88 11.60 -15.50
C GLY A 196 3.49 10.32 -16.00
N THR A 197 3.13 9.18 -15.43
CA THR A 197 3.63 7.88 -15.83
C THR A 197 2.46 7.02 -16.29
N GLU A 198 2.67 6.26 -17.37
CA GLU A 198 1.60 5.52 -18.03
C GLU A 198 2.06 4.12 -18.38
N LYS A 199 1.25 3.12 -18.05
CA LYS A 199 1.52 1.72 -18.36
C LYS A 199 0.38 1.18 -19.21
N LYS A 200 0.67 0.90 -20.47
CA LYS A 200 -0.32 0.45 -21.43
C LYS A 200 -0.25 -1.06 -21.66
N THR A 201 -1.36 -1.63 -22.12
CA THR A 201 -1.43 -2.95 -22.71
C THR A 201 -2.24 -2.82 -23.99
N GLU A 202 -1.68 -3.28 -25.11
CA GLU A 202 -2.13 -2.83 -26.41
C GLU A 202 -2.10 -3.95 -27.44
N SER A 203 -3.18 -4.08 -28.20
CA SER A 203 -3.21 -5.00 -29.34
C SER A 203 -2.73 -4.25 -30.58
N THR A 204 -1.54 -4.61 -31.07
CA THR A 204 -0.98 -3.92 -32.23
C THR A 204 -0.20 -4.93 -33.07
N PHE A 205 0.72 -4.43 -33.89
CA PHE A 205 1.45 -5.24 -34.85
C PHE A 205 2.93 -4.84 -34.83
N LEU A 206 3.77 -5.76 -35.33
CA LEU A 206 5.19 -5.51 -35.49
C LEU A 206 5.63 -5.98 -36.87
N TRP A 207 6.57 -5.26 -37.47
CA TRP A 207 7.16 -5.66 -38.75
C TRP A 207 8.36 -6.54 -38.46
N CYS A 208 8.25 -7.83 -38.79
CA CYS A 208 9.28 -8.79 -38.44
C CYS A 208 9.73 -9.57 -39.67
N PHE A 209 10.94 -10.13 -39.58
CA PHE A 209 11.50 -11.00 -40.60
C PHE A 209 11.39 -12.45 -40.12
N LYS A 210 10.57 -13.23 -40.82
CA LYS A 210 10.40 -14.65 -40.58
C LYS A 210 11.32 -15.42 -41.52
N GLU A 211 12.17 -16.28 -40.94
CA GLU A 211 13.18 -16.98 -41.73
C GLU A 211 13.45 -18.34 -41.10
N HIS A 212 13.12 -19.41 -41.81
CA HIS A 212 13.33 -20.76 -41.30
C HIS A 212 14.82 -21.06 -41.14
N ILE A 213 15.16 -21.74 -40.05
CA ILE A 213 16.55 -22.10 -39.78
C ILE A 213 17.00 -23.17 -40.76
N PHE A 239 11.45 -21.70 -38.26
CA PHE A 239 11.30 -20.25 -38.40
C PHE A 239 11.80 -19.50 -37.18
N ASN A 240 12.59 -18.45 -37.44
CA ASN A 240 12.87 -17.42 -36.45
C ASN A 240 12.20 -16.12 -36.88
N TYR A 241 12.01 -15.24 -35.90
CA TYR A 241 11.28 -13.99 -36.10
C TYR A 241 12.10 -12.86 -35.52
N TYR A 242 12.51 -11.92 -36.38
CA TYR A 242 13.35 -10.80 -35.98
C TYR A 242 12.53 -9.52 -36.06
N CYS A 243 12.30 -8.88 -34.92
CA CYS A 243 11.30 -7.83 -34.81
C CYS A 243 11.93 -6.52 -34.34
N ARG A 244 11.18 -5.44 -34.60
CA ARG A 244 11.57 -4.07 -34.27
C ARG A 244 10.35 -3.33 -33.74
N ASP A 245 10.58 -2.40 -32.82
CA ASP A 245 9.48 -1.59 -32.28
C ASP A 245 9.76 -0.10 -32.44
N ASN A 246 10.38 0.51 -31.42
CA ASN A 246 10.74 1.92 -31.47
C ASN A 246 12.24 2.06 -31.72
N GLY A 247 13.02 1.79 -30.69
CA GLY A 247 14.47 1.75 -30.82
C GLY A 247 15.00 0.41 -30.37
N TYR A 248 14.11 -0.56 -30.24
CA TYR A 248 14.42 -1.89 -29.75
C TYR A 248 14.33 -2.89 -30.89
N TYR A 249 15.30 -3.80 -30.94
CA TYR A 249 15.35 -4.87 -31.92
C TYR A 249 15.56 -6.17 -31.17
N PHE A 250 14.75 -7.18 -31.49
CA PHE A 250 14.70 -8.35 -30.64
C PHE A 250 14.03 -9.50 -31.37
N GLU A 251 14.47 -10.72 -31.05
CA GLU A 251 13.77 -11.91 -31.52
C GLU A 251 12.49 -12.09 -30.72
N LEU A 252 11.42 -12.45 -31.43
CA LEU A 252 10.09 -12.64 -30.82
C LEU A 252 9.68 -14.09 -31.05
N PRO A 253 10.06 -15.01 -30.16
CA PRO A 253 9.71 -16.42 -30.35
C PRO A 253 8.23 -16.70 -30.18
N ALA A 254 7.86 -17.97 -30.25
CA ALA A 254 6.48 -18.39 -30.12
C ALA A 254 6.21 -18.90 -28.70
N ASN A 255 5.07 -18.48 -28.14
CA ASN A 255 4.65 -18.90 -26.80
C ASN A 255 5.68 -18.54 -25.74
N ARG A 256 6.16 -17.29 -25.80
CA ARG A 256 7.11 -16.79 -24.82
C ARG A 256 6.99 -15.27 -24.77
N LEU A 257 6.90 -14.73 -23.56
CA LEU A 257 6.84 -13.29 -23.37
C LEU A 257 8.24 -12.70 -23.44
N VAL A 258 8.41 -11.68 -24.27
CA VAL A 258 9.71 -11.05 -24.49
C VAL A 258 9.69 -9.68 -23.82
N CYS A 259 10.39 -9.55 -22.70
CA CYS A 259 10.40 -8.31 -21.95
C CYS A 259 11.72 -7.57 -22.17
N LEU A 260 11.60 -6.29 -22.49
CA LEU A 260 12.67 -5.32 -22.60
C LEU A 260 12.39 -4.20 -21.61
N PRO A 261 13.43 -3.44 -21.18
CA PRO A 261 13.28 -2.49 -20.06
C PRO A 261 11.94 -1.77 -19.95
N THR A 262 11.43 -1.23 -21.06
CA THR A 262 10.21 -0.43 -21.02
C THR A 262 9.10 -0.99 -21.89
N SER A 263 9.16 -2.26 -22.30
CA SER A 263 8.12 -2.80 -23.18
C SER A 263 8.26 -4.31 -23.23
N CYS A 264 7.15 -5.02 -23.03
CA CYS A 264 7.08 -6.47 -23.21
C CYS A 264 6.13 -6.79 -24.37
N TYR A 265 6.38 -7.95 -25.00
CA TYR A 265 5.67 -8.34 -26.21
C TYR A 265 5.29 -9.81 -26.14
N LYS A 266 4.06 -10.09 -26.57
CA LYS A 266 3.50 -11.44 -26.57
C LYS A 266 2.75 -11.64 -27.87
N ARG A 267 2.81 -12.85 -28.42
CA ARG A 267 2.04 -13.15 -29.62
C ARG A 267 0.56 -13.22 -29.29
N GLU A 268 -0.25 -12.53 -30.09
CA GLU A 268 -1.68 -12.45 -29.82
C GLU A 268 -2.34 -13.82 -29.96
N GLY A 269 -3.07 -14.23 -28.92
CA GLY A 269 -3.71 -15.52 -28.91
C GLY A 269 -2.80 -16.69 -28.67
N ALA A 270 -1.52 -16.46 -28.42
CA ALA A 270 -0.58 -17.51 -28.06
C ALA A 270 -0.45 -17.57 -26.53
N ILE A 271 -0.12 -18.74 -26.02
CA ILE A 271 -0.05 -18.98 -24.59
C ILE A 271 1.39 -18.82 -24.15
N VAL A 272 1.68 -17.73 -23.45
CA VAL A 272 2.98 -17.57 -22.83
C VAL A 272 3.20 -18.69 -21.83
N ASN A 273 4.38 -19.28 -21.86
CA ASN A 273 4.80 -20.10 -20.73
C ASN A 273 4.94 -19.18 -19.53
N THR A 274 4.09 -19.41 -18.52
CA THR A 274 3.93 -18.59 -17.33
C THR A 274 5.19 -17.81 -16.96
N MET A 275 6.25 -18.51 -16.56
CA MET A 275 7.53 -17.89 -16.28
C MET A 275 8.53 -18.32 -17.37
N HIS A 276 9.80 -18.42 -17.00
CA HIS A 276 10.89 -18.68 -17.95
C HIS A 276 10.83 -17.76 -19.18
N PRO A 277 10.62 -16.46 -18.98
CA PRO A 277 10.45 -15.57 -20.14
C PRO A 277 11.81 -15.08 -20.63
N ASN A 278 11.76 -14.40 -21.78
CA ASN A 278 12.94 -13.74 -22.34
C ASN A 278 12.89 -12.29 -21.89
N THR A 279 13.64 -11.97 -20.83
CA THR A 279 13.64 -10.63 -20.27
C THR A 279 15.05 -10.05 -20.28
N TRP A 280 15.11 -8.72 -20.25
CA TRP A 280 16.38 -8.02 -20.26
C TRP A 280 17.17 -8.30 -18.98
N LYS A 281 18.49 -8.41 -19.12
CA LYS A 281 19.35 -8.64 -17.97
C LYS A 281 19.67 -7.31 -17.31
N VAL A 282 19.30 -7.18 -16.03
CA VAL A 282 19.53 -5.95 -15.30
C VAL A 282 21.02 -5.57 -15.30
N SER A 283 21.89 -6.57 -15.24
CA SER A 283 23.34 -6.32 -15.26
C SER A 283 23.74 -5.46 -16.44
N GLU A 284 23.21 -5.76 -17.63
CA GLU A 284 23.58 -5.03 -18.84
C GLU A 284 23.10 -3.59 -18.83
N LYS A 285 22.22 -3.21 -17.90
CA LYS A 285 21.86 -1.81 -17.72
C LYS A 285 22.71 -1.12 -16.67
N LEU A 286 23.34 -1.89 -15.77
CA LEU A 286 24.23 -1.32 -14.76
C LEU A 286 25.68 -1.26 -15.24
N HIS A 287 26.07 -2.20 -16.11
CA HIS A 287 27.46 -2.35 -16.52
C HIS A 287 27.69 -1.77 -17.90
N SER A 288 28.82 -1.09 -18.06
CA SER A 288 29.15 -0.41 -19.30
C SER A 288 29.80 -1.37 -20.29
N ALA A 289 29.76 -0.98 -21.56
CA ALA A 289 30.42 -1.73 -22.62
C ALA A 289 31.84 -1.23 -22.80
N SER A 290 32.77 -2.16 -22.98
CA SER A 290 34.17 -1.78 -23.16
C SER A 290 34.40 -1.27 -24.58
N GLN A 291 35.51 -0.54 -24.74
CA GLN A 291 35.90 -0.10 -26.08
C GLN A 291 36.15 -1.28 -27.00
N PHE A 292 36.60 -2.41 -26.44
CA PHE A 292 36.83 -3.59 -27.25
C PHE A 292 35.53 -4.16 -27.80
N ASP A 293 34.45 -4.09 -27.02
CA ASP A 293 33.16 -4.57 -27.49
C ASP A 293 32.70 -3.76 -28.71
N VAL A 294 32.77 -2.43 -28.60
CA VAL A 294 32.29 -1.58 -29.69
C VAL A 294 33.19 -1.71 -30.91
N ASN A 295 34.52 -1.73 -30.69
CA ASN A 295 35.43 -1.98 -31.81
C ASN A 295 35.13 -3.31 -32.49
N ASN A 296 34.73 -4.31 -31.69
CA ASN A 296 34.36 -5.60 -32.26
C ASN A 296 33.09 -5.49 -33.09
N VAL A 297 32.12 -4.70 -32.62
CA VAL A 297 30.91 -4.46 -33.43
C VAL A 297 31.29 -3.78 -34.73
N VAL A 298 32.25 -2.85 -34.68
CA VAL A 298 32.72 -2.19 -35.91
C VAL A 298 33.33 -3.21 -36.86
N HIS A 299 34.17 -4.11 -36.33
CA HIS A 299 34.79 -5.11 -37.18
C HIS A 299 33.77 -6.06 -37.80
N SER A 300 32.75 -6.45 -37.01
CA SER A 300 31.66 -7.24 -37.57
C SER A 300 30.96 -6.48 -38.69
N LEU A 301 30.75 -5.18 -38.50
CA LEU A 301 30.18 -4.36 -39.56
C LEU A 301 31.06 -4.39 -40.81
N VAL A 302 32.38 -4.40 -40.63
CA VAL A 302 33.29 -4.43 -41.78
C VAL A 302 33.17 -5.76 -42.52
N TYR A 303 33.21 -6.87 -41.78
CA TYR A 303 33.03 -8.20 -42.37
C TYR A 303 31.72 -8.26 -43.17
N GLU A 304 30.63 -7.81 -42.53
CA GLU A 304 29.33 -7.77 -43.19
C GLU A 304 29.37 -6.98 -44.48
N THR A 305 29.88 -5.74 -44.43
CA THR A 305 29.92 -4.91 -45.63
C THR A 305 30.80 -5.52 -46.70
N GLU A 306 31.82 -6.30 -46.32
CA GLU A 306 32.58 -7.05 -47.31
C GLU A 306 31.69 -8.07 -48.02
N GLY A 307 30.89 -8.81 -47.25
CA GLY A 307 29.93 -9.71 -47.88
C GLY A 307 28.99 -8.98 -48.83
N LEU A 308 28.50 -7.80 -48.41
CA LEU A 308 27.58 -7.04 -49.24
C LEU A 308 28.25 -6.55 -50.52
N ARG A 309 29.51 -6.10 -50.42
CA ARG A 309 30.27 -5.73 -51.61
C ARG A 309 30.40 -6.90 -52.57
N LEU A 310 30.71 -8.07 -52.03
CA LEU A 310 30.81 -9.27 -52.88
C LEU A 310 29.50 -9.53 -53.61
N ALA A 311 28.38 -9.61 -52.88
CA ALA A 311 27.10 -9.94 -53.49
C ALA A 311 26.71 -8.90 -54.53
N LEU A 312 26.77 -7.62 -54.15
CA LEU A 312 26.37 -6.55 -55.08
C LEU A 312 27.23 -6.54 -56.33
N SER A 313 28.54 -6.77 -56.18
CA SER A 313 29.41 -6.83 -57.36
C SER A 313 29.06 -8.02 -58.25
N GLN A 314 28.70 -9.16 -57.63
CA GLN A 314 28.29 -10.31 -58.43
C GLN A 314 27.04 -10.00 -59.25
N LEU A 315 26.03 -9.39 -58.61
CA LEU A 315 24.84 -8.97 -59.35
C LEU A 315 25.21 -8.01 -60.48
N ASP A 316 26.12 -7.09 -60.21
CA ASP A 316 26.60 -6.18 -61.25
C ASP A 316 27.13 -6.95 -62.45
N HIS A 317 28.04 -7.89 -62.20
CA HIS A 317 28.58 -8.73 -63.27
C HIS A 317 27.48 -9.46 -64.02
N ARG A 318 26.45 -9.91 -63.29
CA ARG A 318 25.32 -10.56 -63.94
C ARG A 318 24.65 -9.64 -64.95
N PHE A 319 24.40 -8.38 -64.55
CA PHE A 319 23.80 -7.45 -65.49
C PHE A 319 24.71 -7.18 -66.68
N ALA A 320 26.03 -7.23 -66.48
CA ALA A 320 26.95 -7.14 -67.62
C ALA A 320 26.72 -8.29 -68.59
N THR A 321 26.68 -9.52 -68.07
CA THR A 321 26.43 -10.69 -68.90
C THR A 321 25.13 -10.56 -69.69
N LEU A 322 24.04 -10.25 -68.98
CA LEU A 322 22.74 -10.10 -69.64
C LEU A 322 22.78 -8.99 -70.68
N SER A 323 23.54 -7.93 -70.42
CA SER A 323 23.70 -6.87 -71.42
C SER A 323 24.32 -7.42 -72.69
N ARG A 324 25.40 -8.19 -72.56
CA ARG A 324 26.06 -8.76 -73.73
C ARG A 324 25.11 -9.68 -74.51
N LEU A 325 24.54 -10.67 -73.82
CA LEU A 325 23.66 -11.63 -74.48
C LEU A 325 22.50 -10.92 -75.17
N PHE A 326 21.82 -10.03 -74.45
CA PHE A 326 20.70 -9.30 -75.02
C PHE A 326 21.12 -8.47 -76.22
N ASN A 327 22.36 -7.96 -76.22
CA ASN A 327 22.83 -7.20 -77.38
C ASN A 327 23.00 -8.09 -78.60
N ARG A 328 23.68 -9.23 -78.43
CA ARG A 328 23.86 -10.15 -79.57
C ARG A 328 22.51 -10.59 -80.13
N LEU A 329 21.62 -11.05 -79.24
CA LEU A 329 20.32 -11.51 -79.68
C LEU A 329 19.51 -10.39 -80.33
N THR A 330 19.66 -9.16 -79.82
CA THR A 330 19.01 -8.01 -80.45
C THR A 330 19.53 -7.80 -81.87
N GLN A 331 20.84 -7.98 -82.08
CA GLN A 331 21.38 -7.93 -83.43
C GLN A 331 20.74 -9.00 -84.30
N SER A 332 20.58 -10.21 -83.77
CA SER A 332 20.02 -11.30 -84.56
C SER A 332 18.59 -11.00 -85.00
N LEU A 333 17.72 -10.62 -84.04
CA LEU A 333 16.33 -10.35 -84.39
C LEU A 333 16.19 -9.08 -85.20
N ALA A 334 17.13 -8.14 -85.07
CA ALA A 334 16.99 -6.83 -85.69
C ALA A 334 17.18 -6.89 -87.20
N LYS A 335 18.08 -7.77 -87.68
CA LYS A 335 18.25 -7.91 -89.12
C LYS A 335 17.01 -8.47 -89.79
N ILE A 336 16.11 -9.11 -89.04
CA ILE A 336 14.83 -9.57 -89.56
C ILE A 336 13.76 -8.50 -89.42
N ASP A 337 13.62 -7.94 -88.22
CA ASP A 337 12.64 -6.90 -87.93
C ASP A 337 13.39 -5.56 -87.83
N ASP A 338 13.25 -4.74 -88.86
CA ASP A 338 13.94 -3.45 -88.89
C ASP A 338 13.26 -2.39 -88.04
N ARG A 339 12.04 -2.64 -87.56
CA ARG A 339 11.37 -1.75 -86.63
C ARG A 339 11.66 -2.11 -85.17
N LEU A 340 12.49 -3.13 -84.93
CA LEU A 340 12.75 -3.60 -83.57
C LEU A 340 13.52 -2.55 -82.77
N LEU A 341 14.71 -2.16 -83.25
CA LEU A 341 15.54 -1.21 -82.53
C LEU A 341 14.80 0.11 -82.26
N GLY A 342 13.87 0.48 -83.15
CA GLY A 342 13.09 1.68 -82.95
C GLY A 342 12.25 1.64 -81.70
N THR A 343 11.40 0.62 -81.58
CA THR A 343 10.59 0.47 -80.38
C THR A 343 11.45 0.18 -79.17
N LEU A 344 12.65 -0.38 -79.38
CA LEU A 344 13.57 -0.56 -78.26
C LEU A 344 14.06 0.79 -77.73
N LEU A 345 14.29 1.75 -78.62
CA LEU A 345 14.74 3.07 -78.23
C LEU A 345 13.60 4.03 -77.92
N GLY A 346 12.36 3.59 -78.03
CA GLY A 346 11.26 4.54 -78.03
C GLY A 346 11.30 5.57 -79.17
N GLN A 347 12.22 5.41 -80.12
CA GLN A 347 12.42 6.33 -81.23
C GLN A 347 11.77 5.72 -82.47
N ASP A 348 11.15 6.57 -83.27
CA ASP A 348 10.51 6.13 -84.49
C ASP A 348 11.59 6.02 -85.57
N VAL A 349 11.98 4.79 -85.89
CA VAL A 349 13.20 4.56 -86.64
C VAL A 349 13.25 3.11 -87.14
N SER A 350 13.84 2.92 -88.32
CA SER A 350 14.09 1.64 -88.94
C SER A 350 15.59 1.51 -89.20
N SER A 351 16.09 0.28 -89.17
CA SER A 351 17.51 0.00 -89.25
C SER A 351 17.83 -0.81 -90.50
N LYS A 352 19.07 -0.67 -90.96
CA LYS A 352 19.62 -1.50 -92.03
C LYS A 352 21.05 -1.85 -91.65
N PHE A 353 21.35 -3.14 -91.55
CA PHE A 353 22.65 -3.61 -91.11
C PHE A 353 23.59 -3.71 -92.31
N ILE A 354 24.53 -2.76 -92.40
CA ILE A 354 25.62 -2.86 -93.38
C ILE A 354 26.73 -3.78 -92.92
N SER A 355 26.56 -4.41 -91.76
CA SER A 355 27.59 -5.24 -91.13
C SER A 355 26.90 -6.19 -90.17
N PRO A 356 27.55 -7.29 -89.78
CA PRO A 356 26.98 -8.12 -88.72
C PRO A 356 26.66 -7.36 -87.44
N THR A 357 27.37 -6.27 -87.17
CA THR A 357 27.17 -5.47 -85.97
C THR A 357 26.76 -4.03 -86.25
N LYS A 358 27.32 -3.41 -87.28
CA LYS A 358 27.03 -2.01 -87.57
C LYS A 358 25.73 -1.87 -88.36
N PHE A 359 25.01 -0.79 -88.10
CA PHE A 359 23.70 -0.58 -88.72
C PHE A 359 23.43 0.91 -88.87
N MET A 360 22.37 1.23 -89.62
CA MET A 360 22.00 2.59 -89.95
C MET A 360 20.50 2.80 -89.71
N LEU A 361 20.11 4.06 -89.54
CA LEU A 361 18.78 4.39 -89.02
C LEU A 361 18.07 5.46 -89.87
N SER A 362 16.74 5.38 -89.91
CA SER A 362 15.87 6.28 -90.66
C SER A 362 14.54 6.39 -89.92
N PRO A 363 13.78 7.49 -90.11
CA PRO A 363 12.70 7.78 -89.15
C PRO A 363 11.28 7.49 -89.61
N CYS A 364 10.44 8.54 -89.60
CA CYS A 364 9.09 8.58 -90.19
C CYS A 364 7.99 7.92 -89.36
N LEU A 365 6.97 8.70 -89.01
CA LEU A 365 5.67 8.19 -88.56
C LEU A 365 4.60 8.63 -89.54
N SER A 400 -8.10 -4.66 -72.70
CA SER A 400 -7.25 -5.83 -72.80
C SER A 400 -6.71 -6.24 -71.44
N GLN A 401 -6.55 -7.54 -71.22
CA GLN A 401 -5.99 -8.04 -69.98
C GLN A 401 -4.47 -7.88 -69.98
N PRO A 402 -3.87 -7.60 -68.83
CA PRO A 402 -2.41 -7.55 -68.73
C PRO A 402 -1.82 -8.92 -68.45
N VAL A 403 -0.61 -9.13 -68.97
CA VAL A 403 0.13 -10.37 -68.78
C VAL A 403 1.55 -10.04 -68.36
N ASP A 404 1.99 -10.61 -67.24
CA ASP A 404 3.28 -10.31 -66.64
C ASP A 404 4.16 -11.56 -66.70
N LEU A 405 5.26 -11.48 -67.45
CA LEU A 405 6.15 -12.61 -67.66
C LEU A 405 7.19 -12.76 -66.56
N TYR A 406 7.33 -11.77 -65.67
CA TYR A 406 8.49 -11.69 -64.80
C TYR A 406 8.19 -11.95 -63.34
N SER A 407 6.99 -11.61 -62.86
CA SER A 407 6.60 -11.79 -61.47
C SER A 407 7.53 -11.04 -60.52
N PHE A 408 8.14 -9.97 -61.01
CA PHE A 408 8.97 -9.11 -60.15
C PHE A 408 8.09 -8.42 -59.12
N LYS A 409 8.44 -8.55 -57.85
CA LYS A 409 7.70 -7.92 -56.76
C LYS A 409 8.46 -6.76 -56.18
N GLU A 410 7.78 -5.99 -55.33
CA GLU A 410 8.35 -4.78 -54.76
C GLU A 410 9.60 -5.11 -53.96
N LEU A 411 10.72 -4.51 -54.35
CA LEU A 411 11.99 -4.76 -53.69
C LEU A 411 12.03 -4.02 -52.36
N TRP A 412 12.28 -4.75 -51.27
CA TRP A 412 12.30 -4.13 -49.95
C TRP A 412 13.62 -3.39 -49.76
N LEU A 413 13.53 -2.07 -49.59
CA LEU A 413 14.71 -1.28 -49.32
C LEU A 413 14.88 -1.13 -47.81
N PRO A 414 16.06 -1.43 -47.27
CA PRO A 414 16.23 -1.36 -45.81
C PRO A 414 16.08 0.07 -45.30
N GLN A 415 15.38 0.19 -44.18
CA GLN A 415 15.09 1.50 -43.60
C GLN A 415 16.20 1.92 -42.64
N LEU A 416 16.27 3.22 -42.37
CA LEU A 416 17.24 3.74 -41.42
C LEU A 416 16.83 3.36 -40.01
N LEU A 417 17.78 2.85 -39.23
CA LEU A 417 17.46 2.19 -37.96
C LEU A 417 17.53 3.18 -36.80
N ASP A 418 16.37 3.40 -36.17
CA ASP A 418 16.30 4.09 -34.90
C ASP A 418 16.77 3.15 -33.79
N VAL A 419 17.84 3.51 -33.10
CA VAL A 419 18.46 2.64 -32.09
C VAL A 419 18.65 3.44 -30.81
N ASN A 420 18.20 2.87 -29.69
CA ASN A 420 18.30 3.54 -28.39
C ASN A 420 19.67 3.33 -27.78
N VAL A 421 20.25 4.41 -27.24
CA VAL A 421 21.50 4.38 -26.48
C VAL A 421 21.26 5.21 -25.24
N LYS A 422 21.16 4.56 -24.08
CA LYS A 422 20.77 5.22 -22.84
C LYS A 422 21.85 5.26 -21.77
N GLY A 423 22.86 4.41 -21.86
CA GLY A 423 23.92 4.42 -20.88
C GLY A 423 23.62 3.55 -19.68
N VAL A 424 24.47 3.71 -18.66
CA VAL A 424 24.37 2.91 -17.44
C VAL A 424 23.49 3.64 -16.43
N VAL A 425 22.97 2.89 -15.46
CA VAL A 425 22.08 3.46 -14.46
C VAL A 425 22.83 4.40 -13.52
N ALA A 426 24.10 4.10 -13.22
CA ALA A 426 24.86 4.93 -12.30
C ALA A 426 25.01 6.36 -12.81
N ASP A 427 24.94 6.55 -14.13
CA ASP A 427 25.07 7.88 -14.72
C ASP A 427 23.74 8.62 -14.84
N GLU A 428 22.64 8.02 -14.38
CA GLU A 428 21.41 8.77 -14.25
C GLU A 428 21.60 9.89 -13.24
N GLU A 429 20.89 11.00 -13.46
CA GLU A 429 21.15 12.23 -12.71
C GLU A 429 20.99 12.01 -11.21
N GLY A 430 19.93 11.32 -10.80
CA GLY A 430 19.67 11.15 -9.38
C GLY A 430 20.71 10.30 -8.69
N TRP A 431 21.03 9.14 -9.25
CA TRP A 431 22.05 8.29 -8.65
C TRP A 431 23.43 8.93 -8.69
N SER A 432 23.73 9.69 -9.75
CA SER A 432 24.93 10.51 -9.76
C SER A 432 24.94 11.48 -8.59
N PHE A 433 23.79 12.08 -8.29
CA PHE A 433 23.69 12.99 -7.14
C PHE A 433 23.94 12.27 -5.84
N VAL A 434 23.39 11.06 -5.69
CA VAL A 434 23.62 10.28 -4.47
C VAL A 434 25.10 9.97 -4.29
N ALA A 435 25.72 9.44 -5.34
CA ALA A 435 27.16 9.12 -5.26
C ALA A 435 27.98 10.35 -4.95
N GLN A 436 27.63 11.50 -5.56
CA GLN A 436 28.34 12.74 -5.27
C GLN A 436 28.19 13.12 -3.80
N SER A 437 26.98 13.00 -3.25
CA SER A 437 26.75 13.31 -1.85
C SER A 437 27.62 12.44 -0.95
N LYS A 438 27.60 11.12 -1.18
CA LYS A 438 28.44 10.22 -0.39
C LYS A 438 29.90 10.60 -0.47
N GLN A 439 30.39 10.93 -1.68
CA GLN A 439 31.78 11.29 -1.83
C GLN A 439 32.12 12.58 -1.09
N ALA A 440 31.18 13.52 -1.05
CA ALA A 440 31.39 14.74 -0.28
C ALA A 440 31.50 14.43 1.20
N LEU A 441 30.61 13.57 1.70
CA LEU A 441 30.69 13.15 3.10
C LEU A 441 32.04 12.52 3.40
N ILE A 442 32.53 11.65 2.52
CA ILE A 442 33.86 11.06 2.72
C ILE A 442 34.92 12.15 2.74
N ASP A 443 34.83 13.12 1.82
CA ASP A 443 35.83 14.18 1.75
C ASP A 443 35.89 15.02 3.00
N THR A 444 34.74 15.22 3.66
CA THR A 444 34.71 16.13 4.80
C THR A 444 34.97 15.44 6.14
N MET A 445 34.98 14.10 6.18
CA MET A 445 35.29 13.36 7.39
C MET A 445 36.75 12.93 7.45
N THR A 446 37.61 13.54 6.64
CA THR A 446 39.00 13.08 6.54
C THR A 446 39.77 13.30 7.84
N TYR A 447 39.54 14.42 8.51
CA TYR A 447 40.24 14.69 9.76
C TYR A 447 39.40 15.61 10.62
N THR A 448 39.54 15.45 11.94
CA THR A 448 38.82 16.28 12.89
C THR A 448 39.36 17.70 12.89
N LYS A 449 38.45 18.67 12.96
CA LYS A 449 38.81 20.08 13.03
C LYS A 449 38.43 20.64 14.39
N ASN A 450 39.38 21.33 15.02
CA ASN A 450 39.16 21.93 16.34
C ASN A 450 38.59 23.33 16.13
N GLY A 451 37.34 23.52 16.53
CA GLY A 451 36.65 24.78 16.34
C GLY A 451 36.66 25.72 17.53
N GLY A 452 37.32 25.35 18.63
CA GLY A 452 37.39 26.20 19.79
C GLY A 452 38.26 27.42 19.58
N CYS B 4 -34.97 40.06 44.93
CA CYS B 4 -35.44 39.87 43.56
C CYS B 4 -35.52 38.40 43.21
N ASN B 5 -34.40 37.71 43.41
CA ASN B 5 -34.32 36.26 43.23
C ASN B 5 -35.12 35.54 44.31
N LYS B 6 -35.70 34.40 43.94
CA LYS B 6 -36.50 33.58 44.84
C LYS B 6 -36.18 32.12 44.56
N ALA B 7 -36.63 31.23 45.46
CA ALA B 7 -36.24 29.82 45.44
C ALA B 7 -37.30 28.93 44.80
N GLN B 8 -37.80 29.29 43.62
CA GLN B 8 -38.45 28.31 42.75
C GLN B 8 -37.33 27.61 41.99
N GLN B 9 -36.66 26.69 42.67
CA GLN B 9 -35.53 26.01 42.04
C GLN B 9 -36.05 25.11 40.92
N GLN B 10 -36.72 25.72 39.94
CA GLN B 10 -37.35 24.98 38.86
C GLN B 10 -36.28 24.28 38.03
N GLY B 11 -36.29 22.96 38.08
CA GLY B 11 -35.35 22.13 37.35
C GLY B 11 -35.64 20.69 37.66
N PRO B 12 -34.64 19.81 37.52
CA PRO B 12 -33.30 20.20 37.07
C PRO B 12 -33.16 20.12 35.56
N TYR B 13 -32.24 20.91 34.99
CA TYR B 13 -32.03 20.95 33.56
C TYR B 13 -30.66 20.36 33.20
N THR B 14 -30.51 20.02 31.92
CA THR B 14 -29.28 19.43 31.42
C THR B 14 -29.13 19.78 29.95
N LEU B 15 -28.00 20.37 29.58
CA LEU B 15 -27.77 20.80 28.21
C LEU B 15 -27.64 19.60 27.28
N VAL B 16 -28.35 19.64 26.16
CA VAL B 16 -28.32 18.58 25.16
C VAL B 16 -27.46 19.03 24.00
N ASP B 17 -26.58 18.14 23.54
CA ASP B 17 -25.80 18.41 22.34
C ASP B 17 -26.68 18.29 21.10
N TYR B 18 -26.15 18.75 19.97
CA TYR B 18 -26.79 18.54 18.69
C TYR B 18 -26.24 17.27 18.06
N GLN B 19 -27.14 16.38 17.66
CA GLN B 19 -26.77 15.08 17.08
C GLN B 19 -27.30 15.04 15.64
N GLU B 20 -26.38 15.09 14.68
CA GLU B 20 -26.76 15.09 13.28
C GLU B 20 -26.98 13.67 12.79
N LYS B 21 -27.78 13.54 11.74
CA LYS B 21 -28.07 12.23 11.18
C LYS B 21 -26.84 11.70 10.45
N PRO B 22 -26.30 10.55 10.84
CA PRO B 22 -25.02 10.11 10.29
C PRO B 22 -25.12 9.75 8.81
N LEU B 23 -24.04 10.01 8.09
CA LEU B 23 -23.97 9.75 6.65
C LEU B 23 -22.55 9.28 6.34
N ASN B 24 -22.38 7.99 6.07
CA ASN B 24 -21.07 7.45 5.71
C ASN B 24 -20.93 7.46 4.18
N ILE B 25 -20.88 8.67 3.64
CA ILE B 25 -20.50 8.91 2.25
C ILE B 25 -19.05 9.37 2.25
N SER B 26 -18.33 9.04 1.19
CA SER B 26 -16.95 9.49 1.13
C SER B 26 -16.49 9.55 -0.32
N ARG B 27 -15.45 10.35 -0.54
CA ARG B 27 -14.76 10.45 -1.82
C ARG B 27 -13.57 9.49 -1.77
N ILE B 28 -13.63 8.42 -2.56
CA ILE B 28 -12.62 7.37 -2.53
C ILE B 28 -12.00 7.23 -3.91
N GLN B 29 -10.71 6.89 -3.91
CA GLN B 29 -10.02 6.45 -5.12
C GLN B 29 -10.29 4.96 -5.34
N ILE B 30 -10.70 4.60 -6.55
CA ILE B 30 -11.03 3.23 -6.89
C ILE B 30 -10.10 2.78 -8.01
N LYS B 31 -9.30 1.75 -7.74
CA LYS B 31 -8.42 1.20 -8.76
C LYS B 31 -9.25 0.46 -9.80
N VAL B 32 -9.03 0.79 -11.08
CA VAL B 32 -9.83 0.24 -12.16
C VAL B 32 -8.91 -0.17 -13.31
N VAL B 33 -9.25 -1.29 -13.95
CA VAL B 33 -8.78 -1.61 -15.29
C VAL B 33 -9.71 -0.88 -16.27
N LYS B 34 -9.13 -0.01 -17.08
CA LYS B 34 -9.87 0.84 -17.99
C LYS B 34 -9.40 0.58 -19.42
N THR B 35 -10.32 0.06 -20.24
CA THR B 35 -10.11 -0.01 -21.68
C THR B 35 -10.58 1.28 -22.31
N SER B 36 -9.85 1.74 -23.33
CA SER B 36 -10.13 3.02 -23.95
C SER B 36 -9.78 2.95 -25.43
N VAL B 37 -10.34 3.87 -26.21
CA VAL B 37 -10.06 3.95 -27.64
C VAL B 37 -10.11 5.41 -28.06
N ALA B 38 -9.11 5.84 -28.82
CA ALA B 38 -9.04 7.19 -29.37
C ALA B 38 -8.75 7.11 -30.86
N THR B 39 -9.25 8.09 -31.60
CA THR B 39 -9.08 8.16 -33.04
C THR B 39 -8.55 9.52 -33.44
N LYS B 40 -7.90 9.56 -34.60
CA LYS B 40 -7.23 10.78 -35.06
C LYS B 40 -7.27 10.86 -36.57
N GLY B 41 -7.60 12.05 -37.07
CA GLY B 41 -7.47 12.35 -38.48
C GLY B 41 -8.53 11.70 -39.36
N LEU B 42 -8.46 12.04 -40.64
CA LEU B 42 -9.37 11.53 -41.66
C LEU B 42 -9.13 10.04 -41.82
N ASN B 43 -9.95 9.23 -41.15
CA ASN B 43 -9.78 7.78 -41.15
C ASN B 43 -10.93 7.03 -41.80
N PHE B 44 -11.94 7.73 -42.31
CA PHE B 44 -13.11 7.10 -42.91
C PHE B 44 -13.30 7.65 -44.32
N HIS B 45 -13.55 6.76 -45.28
CA HIS B 45 -13.68 7.14 -46.68
C HIS B 45 -14.95 6.52 -47.23
N ILE B 46 -15.83 7.37 -47.77
CA ILE B 46 -17.12 6.95 -48.31
C ILE B 46 -17.14 7.24 -49.79
N GLY B 47 -17.45 6.24 -50.59
CA GLY B 47 -17.61 6.41 -52.02
C GLY B 47 -18.91 5.80 -52.50
N TYR B 48 -19.43 6.37 -53.58
CA TYR B 48 -20.61 5.79 -54.22
C TYR B 48 -20.53 6.10 -55.71
N ARG B 49 -21.25 5.29 -56.50
CA ARG B 49 -21.23 5.39 -57.94
C ARG B 49 -22.26 4.42 -58.53
N ALA B 50 -23.04 4.87 -59.51
CA ALA B 50 -24.12 4.05 -60.06
C ALA B 50 -24.39 4.47 -61.48
N VAL B 51 -25.16 3.65 -62.19
CA VAL B 51 -25.34 3.71 -63.63
C VAL B 51 -26.83 3.87 -63.91
N TRP B 52 -27.21 4.91 -64.65
CA TRP B 52 -28.54 4.97 -65.23
C TRP B 52 -28.46 4.52 -66.69
N ARG B 53 -29.10 3.40 -67.00
CA ARG B 53 -29.05 2.80 -68.34
C ARG B 53 -30.47 2.59 -68.84
N GLY B 54 -30.90 3.45 -69.77
CA GLY B 54 -32.19 3.27 -70.43
C GLY B 54 -32.00 2.73 -71.83
N TYR B 55 -32.34 1.45 -72.04
CA TYR B 55 -32.06 0.77 -73.31
C TYR B 55 -33.37 0.43 -73.99
N CYS B 56 -33.65 1.13 -75.10
CA CYS B 56 -34.94 1.04 -75.78
C CYS B 56 -34.75 0.47 -77.18
N TYR B 57 -35.87 -0.01 -77.74
CA TYR B 57 -35.93 -0.48 -79.12
C TYR B 57 -37.24 -0.03 -79.73
N ASN B 58 -37.15 0.55 -80.94
CA ASN B 58 -38.30 0.98 -81.71
C ASN B 58 -38.41 0.08 -82.93
N GLY B 59 -39.53 -0.63 -83.04
CA GLY B 59 -39.80 -1.52 -84.15
C GLY B 59 -41.27 -1.52 -84.54
N GLY B 60 -42.04 -0.58 -84.00
CA GLY B 60 -43.43 -0.45 -84.32
C GLY B 60 -44.33 -1.04 -83.24
N SER B 61 -45.58 -0.57 -83.23
CA SER B 61 -46.56 -1.06 -82.26
C SER B 61 -46.83 -2.55 -82.43
N LEU B 62 -46.53 -3.12 -83.60
CA LEU B 62 -46.80 -4.53 -83.83
C LEU B 62 -45.68 -5.42 -83.30
N ASP B 63 -44.47 -4.89 -83.18
CA ASP B 63 -43.34 -5.67 -82.72
C ASP B 63 -43.40 -5.87 -81.21
N LYS B 64 -43.14 -7.11 -80.78
CA LYS B 64 -43.09 -7.40 -79.34
C LYS B 64 -41.77 -6.99 -78.71
N ASN B 65 -40.76 -6.62 -79.52
CA ASN B 65 -39.49 -6.13 -79.01
C ASN B 65 -39.50 -4.63 -78.76
N THR B 66 -40.51 -3.91 -79.24
CA THR B 66 -40.60 -2.47 -79.01
C THR B 66 -40.82 -2.18 -77.54
N GLY B 67 -40.08 -1.21 -77.00
CA GLY B 67 -40.24 -0.82 -75.63
C GLY B 67 -38.90 -0.45 -75.03
N CYS B 68 -38.88 -0.29 -73.72
CA CYS B 68 -37.67 0.14 -73.01
C CYS B 68 -37.41 -0.76 -71.83
N TYR B 69 -36.15 -1.18 -71.68
CA TYR B 69 -35.62 -1.82 -70.48
C TYR B 69 -34.69 -0.82 -69.82
N ASN B 70 -35.11 -0.25 -68.70
CA ASN B 70 -34.35 0.77 -67.99
C ASN B 70 -33.95 0.26 -66.62
N ASP B 71 -32.70 0.50 -66.25
CA ASP B 71 -32.15 -0.01 -65.00
C ASP B 71 -31.27 1.05 -64.34
N LEU B 72 -31.23 1.00 -63.01
CA LEU B 72 -30.28 1.75 -62.19
C LEU B 72 -29.35 0.72 -61.57
N ILE B 73 -28.16 0.58 -62.16
CA ILE B 73 -27.22 -0.47 -61.78
C ILE B 73 -26.30 0.07 -60.70
N PRO B 74 -26.31 -0.51 -59.50
CA PRO B 74 -25.29 -0.15 -58.50
C PRO B 74 -23.96 -0.78 -58.86
N LYS B 75 -22.89 0.01 -58.74
CA LYS B 75 -21.53 -0.49 -58.93
C LYS B 75 -20.62 0.20 -57.90
N SER B 76 -20.77 -0.21 -56.65
CA SER B 76 -19.97 0.37 -55.57
C SER B 76 -18.49 0.17 -55.86
N PRO B 77 -17.65 1.14 -55.49
CA PRO B 77 -16.21 1.02 -55.77
C PRO B 77 -15.58 -0.08 -54.94
N THR B 78 -14.45 -0.59 -55.44
CA THR B 78 -13.67 -1.55 -54.68
C THR B 78 -12.77 -0.82 -53.69
N GLU B 79 -12.27 -1.59 -52.71
CA GLU B 79 -11.29 -1.06 -51.77
C GLU B 79 -10.11 -0.43 -52.50
N SER B 80 -9.62 -1.10 -53.54
CA SER B 80 -8.57 -0.52 -54.39
C SER B 80 -9.02 0.81 -54.98
N GLU B 81 -10.14 0.79 -55.70
CA GLU B 81 -10.62 2.00 -56.38
C GLU B 81 -10.97 3.10 -55.38
N LEU B 82 -11.60 2.73 -54.26
CA LEU B 82 -11.96 3.72 -53.26
C LEU B 82 -10.72 4.35 -52.63
N ARG B 83 -9.66 3.58 -52.45
CA ARG B 83 -8.40 4.13 -51.96
C ARG B 83 -7.79 5.10 -52.97
N THR B 84 -7.72 4.67 -54.25
CA THR B 84 -7.23 5.54 -55.29
C THR B 84 -8.01 6.85 -55.35
N TRP B 85 -9.33 6.79 -55.17
CA TRP B 85 -10.13 7.99 -55.03
C TRP B 85 -9.71 8.80 -53.82
N SER B 86 -9.47 8.11 -52.70
CA SER B 86 -9.14 8.81 -51.45
C SER B 86 -7.89 9.67 -51.61
N LYS B 87 -6.89 9.16 -52.35
CA LYS B 87 -5.71 9.98 -52.58
C LYS B 87 -5.90 10.96 -53.72
N SER B 88 -6.70 10.61 -54.72
CA SER B 88 -6.92 11.47 -55.87
C SER B 88 -7.99 12.54 -55.61
N GLN B 89 -8.85 12.32 -54.63
CA GLN B 89 -10.00 13.19 -54.35
C GLN B 89 -10.91 13.31 -55.58
N LYS B 90 -10.97 12.26 -56.38
CA LYS B 90 -11.81 12.22 -57.58
C LYS B 90 -12.39 10.83 -57.74
N CYS B 91 -13.69 10.75 -58.02
CA CYS B 91 -14.36 9.48 -58.26
C CYS B 91 -14.41 9.19 -59.75
N CYS B 92 -13.89 8.04 -60.14
CA CYS B 92 -13.79 7.68 -61.55
C CYS B 92 -15.02 6.87 -61.96
N THR B 93 -15.32 6.91 -63.25
CA THR B 93 -16.59 6.45 -63.77
C THR B 93 -16.45 6.11 -65.25
N GLY B 94 -17.47 5.46 -65.79
CA GLY B 94 -17.51 5.10 -67.19
C GLY B 94 -18.08 6.20 -68.06
N PRO B 95 -18.39 5.87 -69.32
CA PRO B 95 -18.82 6.90 -70.25
C PRO B 95 -20.32 7.17 -70.19
N ASP B 96 -20.68 8.43 -70.39
CA ASP B 96 -22.07 8.84 -70.51
C ASP B 96 -22.50 8.83 -71.98
N ALA B 97 -23.71 8.35 -72.23
CA ALA B 97 -24.24 8.24 -73.59
C ALA B 97 -25.63 8.86 -73.63
N VAL B 98 -25.78 9.92 -74.44
CA VAL B 98 -27.06 10.58 -74.63
C VAL B 98 -27.47 10.39 -76.09
N ASP B 99 -28.64 9.77 -76.29
CA ASP B 99 -29.21 9.58 -77.62
C ASP B 99 -28.24 8.83 -78.54
N ALA B 100 -27.73 7.71 -78.06
CA ALA B 100 -26.84 6.85 -78.84
C ALA B 100 -27.71 5.77 -79.49
N TRP B 101 -28.02 5.95 -80.77
CA TRP B 101 -28.91 5.06 -81.49
C TRP B 101 -28.18 4.39 -82.65
N GLY B 102 -28.70 3.25 -83.06
CA GLY B 102 -28.08 2.46 -84.11
C GLY B 102 -27.05 1.49 -83.53
N SER B 103 -25.81 1.57 -84.01
CA SER B 103 -24.75 0.74 -83.46
C SER B 103 -24.01 1.41 -82.32
N ASP B 104 -24.17 2.73 -82.15
CA ASP B 104 -23.72 3.36 -80.91
C ASP B 104 -24.43 2.77 -79.70
N ALA B 105 -25.66 2.29 -79.90
CA ALA B 105 -26.54 1.88 -78.81
C ALA B 105 -26.03 0.67 -78.04
N ARG B 106 -25.00 -0.01 -78.49
CA ARG B 106 -24.44 -1.11 -77.73
C ARG B 106 -23.33 -0.66 -76.78
N ILE B 107 -23.01 0.63 -76.74
CA ILE B 107 -22.17 1.16 -75.66
C ILE B 107 -22.83 0.85 -74.32
N CYS B 108 -24.16 0.70 -74.31
CA CYS B 108 -24.88 0.35 -73.09
C CYS B 108 -24.49 -1.01 -72.54
N TRP B 109 -23.85 -1.87 -73.35
CA TRP B 109 -23.54 -3.22 -72.92
C TRP B 109 -22.09 -3.58 -73.17
N ALA B 110 -21.22 -2.59 -73.33
CA ALA B 110 -19.79 -2.81 -73.41
C ALA B 110 -19.18 -2.72 -72.03
N GLU B 111 -18.28 -3.65 -71.71
CA GLU B 111 -17.60 -3.63 -70.42
C GLU B 111 -16.76 -2.37 -70.28
N TRP B 112 -17.34 -1.34 -69.65
CA TRP B 112 -16.69 -0.04 -69.60
C TRP B 112 -15.48 -0.06 -68.67
N LYS B 113 -14.50 0.78 -68.98
CA LYS B 113 -13.40 1.06 -68.08
C LYS B 113 -13.67 2.37 -67.36
N MET B 114 -13.61 2.34 -66.03
CA MET B 114 -13.88 3.52 -65.20
C MET B 114 -12.74 4.50 -65.37
N GLU B 115 -12.77 5.22 -66.50
CA GLU B 115 -11.68 6.10 -66.89
C GLU B 115 -11.88 7.55 -66.47
N LEU B 116 -13.10 8.08 -66.60
CA LEU B 116 -13.35 9.50 -66.42
C LEU B 116 -13.61 9.82 -64.95
N CYS B 117 -12.68 10.54 -64.32
CA CYS B 117 -12.80 10.86 -62.90
C CYS B 117 -13.29 12.30 -62.72
N HIS B 118 -13.98 12.53 -61.61
CA HIS B 118 -14.67 13.80 -61.35
C HIS B 118 -14.45 14.23 -59.91
N THR B 119 -14.56 15.55 -59.69
CA THR B 119 -14.72 16.04 -58.33
C THR B 119 -16.13 15.78 -57.82
N ALA B 120 -17.12 15.77 -58.71
CA ALA B 120 -18.50 15.45 -58.40
C ALA B 120 -19.23 15.12 -59.70
N LYS B 121 -20.24 14.27 -59.60
CA LYS B 121 -20.96 13.82 -60.80
C LYS B 121 -22.31 13.25 -60.40
N GLU B 122 -23.37 13.79 -60.97
CA GLU B 122 -24.73 13.29 -60.78
C GLU B 122 -25.29 12.83 -62.12
N LEU B 123 -26.17 11.83 -62.09
CA LEU B 123 -26.71 11.27 -63.32
C LEU B 123 -27.96 12.02 -63.75
N LYS B 124 -28.37 11.76 -65.00
CA LYS B 124 -29.59 12.29 -65.57
C LYS B 124 -30.45 11.15 -66.08
N LYS B 125 -31.75 11.24 -65.82
CA LYS B 125 -32.69 10.19 -66.21
C LYS B 125 -33.08 10.37 -67.67
N TYR B 126 -32.12 10.09 -68.55
CA TYR B 126 -32.33 10.23 -69.98
C TYR B 126 -32.99 8.99 -70.56
N SER B 127 -33.93 9.20 -71.48
CA SER B 127 -34.58 8.10 -72.18
C SER B 127 -35.35 8.60 -73.40
N ASN B 128 -35.10 7.98 -74.55
CA ASN B 128 -35.86 8.26 -75.77
C ASN B 128 -35.82 7.01 -76.64
N ASN B 129 -36.76 6.94 -77.60
CA ASN B 129 -36.90 5.75 -78.43
C ASN B 129 -37.47 6.10 -79.80
N ASN B 130 -37.16 7.28 -80.33
CA ASN B 130 -37.80 7.80 -81.54
C ASN B 130 -37.06 7.42 -82.81
N HIS B 131 -36.33 6.30 -82.82
CA HIS B 131 -35.57 5.85 -83.99
C HIS B 131 -36.13 4.50 -84.42
N PHE B 132 -37.02 4.52 -85.41
CA PHE B 132 -37.72 3.32 -85.85
C PHE B 132 -36.75 2.25 -86.33
N ALA B 133 -37.10 0.99 -86.06
CA ALA B 133 -36.30 -0.18 -86.43
C ALA B 133 -34.90 -0.11 -85.84
N TYR B 134 -34.75 0.56 -84.69
CA TYR B 134 -33.42 0.82 -84.15
C TYR B 134 -33.47 0.81 -82.63
N HIS B 135 -32.32 0.53 -82.03
CA HIS B 135 -32.13 0.64 -80.59
C HIS B 135 -31.66 2.05 -80.25
N THR B 136 -32.02 2.49 -79.04
CA THR B 136 -31.57 3.77 -78.52
C THR B 136 -31.07 3.56 -77.09
N CYS B 137 -29.83 3.97 -76.84
CA CYS B 137 -29.17 3.74 -75.55
C CYS B 137 -28.96 5.06 -74.82
N ASN B 138 -29.17 5.03 -73.51
CA ASN B 138 -28.92 6.18 -72.64
C ASN B 138 -28.11 5.74 -71.43
N LEU B 139 -26.97 6.38 -71.23
CA LEU B 139 -26.06 6.05 -70.13
C LEU B 139 -25.71 7.35 -69.42
N SER B 140 -25.99 7.41 -68.11
CA SER B 140 -25.72 8.61 -67.31
C SER B 140 -25.25 8.18 -65.93
N TRP B 141 -24.01 8.49 -65.59
CA TRP B 141 -23.34 7.98 -64.40
C TRP B 141 -23.46 8.97 -63.24
N ARG B 142 -23.29 8.44 -62.02
CA ARG B 142 -23.18 9.30 -60.85
C ARG B 142 -22.11 8.73 -59.93
N CYS B 143 -21.33 9.62 -59.30
CA CYS B 143 -20.33 9.19 -58.34
C CYS B 143 -20.05 10.31 -57.35
N GLY B 144 -19.56 9.92 -56.18
CA GLY B 144 -19.24 10.87 -55.14
C GLY B 144 -18.32 10.26 -54.11
N LEU B 145 -17.50 11.11 -53.50
CA LEU B 145 -16.49 10.68 -52.54
C LEU B 145 -16.38 11.70 -51.42
N LYS B 146 -16.19 11.22 -50.20
CA LYS B 146 -15.89 12.11 -49.07
C LYS B 146 -14.98 11.38 -48.09
N SER B 147 -13.92 12.07 -47.66
CA SER B 147 -13.03 11.60 -46.61
C SER B 147 -13.33 12.39 -45.35
N THR B 148 -13.63 11.68 -44.27
CA THR B 148 -14.05 12.30 -43.01
C THR B 148 -13.44 11.53 -41.85
N HIS B 149 -13.73 12.00 -40.64
CA HIS B 149 -13.22 11.41 -39.40
C HIS B 149 -14.37 10.72 -38.68
N ILE B 150 -14.22 9.41 -38.46
CA ILE B 150 -15.20 8.63 -37.73
C ILE B 150 -14.63 8.31 -36.35
N GLU B 151 -15.52 8.06 -35.40
CA GLU B 151 -15.14 7.79 -34.02
C GLU B 151 -15.45 6.32 -33.70
N VAL B 152 -14.41 5.56 -33.41
CA VAL B 152 -14.56 4.14 -33.08
C VAL B 152 -15.11 4.00 -31.66
N ARG B 153 -16.04 3.07 -31.49
CA ARG B 153 -16.69 2.88 -30.19
C ARG B 153 -16.50 1.44 -29.72
N LEU B 154 -16.70 1.23 -28.42
CA LEU B 154 -16.42 -0.05 -27.79
C LEU B 154 -17.70 -0.83 -27.55
N GLN B 155 -17.58 -2.16 -27.57
CA GLN B 155 -18.68 -3.04 -27.23
C GLN B 155 -18.12 -4.37 -26.74
N ALA B 156 -18.76 -4.95 -25.73
CA ALA B 156 -18.29 -6.19 -25.10
C ALA B 156 -19.37 -7.26 -25.26
N SER B 157 -19.04 -8.33 -25.97
CA SER B 157 -19.94 -9.46 -26.18
C SER B 157 -19.23 -10.72 -25.71
N GLY B 158 -19.80 -11.38 -24.71
CA GLY B 158 -19.11 -12.49 -24.06
C GLY B 158 -17.99 -12.08 -23.14
N GLY B 159 -18.02 -10.83 -22.65
CA GLY B 159 -16.96 -10.34 -21.80
C GLY B 159 -15.69 -9.94 -22.51
N LEU B 160 -15.74 -9.72 -23.82
CA LEU B 160 -14.57 -9.39 -24.63
C LEU B 160 -14.80 -8.03 -25.28
N VAL B 161 -14.01 -7.04 -24.89
CA VAL B 161 -14.15 -5.68 -25.39
C VAL B 161 -13.52 -5.59 -26.78
N SER B 162 -14.29 -5.10 -27.75
CA SER B 162 -13.85 -4.99 -29.12
C SER B 162 -14.38 -3.69 -29.72
N MET B 163 -13.81 -3.32 -30.86
CA MET B 163 -14.08 -2.05 -31.52
C MET B 163 -15.12 -2.21 -32.62
N VAL B 164 -16.03 -1.24 -32.70
CA VAL B 164 -17.11 -1.25 -33.67
C VAL B 164 -17.35 0.17 -34.17
N ALA B 165 -17.92 0.25 -35.37
CA ALA B 165 -18.40 1.50 -35.95
C ALA B 165 -19.92 1.45 -36.04
N VAL B 166 -20.58 2.45 -35.47
CA VAL B 166 -22.04 2.47 -35.38
C VAL B 166 -22.61 3.09 -36.64
N MET B 167 -23.58 2.40 -37.25
CA MET B 167 -24.25 2.92 -38.43
C MET B 167 -25.59 3.54 -38.07
N PRO B 168 -26.09 4.47 -38.89
CA PRO B 168 -27.33 5.18 -38.53
C PRO B 168 -28.51 4.28 -38.22
N ASN B 169 -28.54 3.05 -38.74
CA ASN B 169 -29.64 2.15 -38.48
C ASN B 169 -29.38 1.22 -37.30
N GLY B 170 -28.27 1.42 -36.58
CA GLY B 170 -27.98 0.68 -35.37
C GLY B 170 -27.00 -0.47 -35.53
N THR B 171 -26.66 -0.85 -36.76
CA THR B 171 -25.75 -1.97 -36.97
C THR B 171 -24.36 -1.62 -36.46
N LEU B 172 -23.76 -2.55 -35.71
CA LEU B 172 -22.41 -2.39 -35.19
C LEU B 172 -21.45 -3.13 -36.11
N ILE B 173 -20.67 -2.37 -36.89
CA ILE B 173 -19.70 -2.96 -37.81
C ILE B 173 -18.43 -3.30 -37.05
N PRO B 174 -18.04 -4.58 -36.99
CA PRO B 174 -16.79 -4.93 -36.29
C PRO B 174 -15.59 -4.31 -36.97
N ILE B 175 -14.62 -3.89 -36.17
CA ILE B 175 -13.42 -3.23 -36.65
C ILE B 175 -12.20 -3.84 -35.96
N GLU B 176 -11.22 -4.25 -36.75
CA GLU B 176 -9.94 -4.73 -36.26
C GLU B 176 -8.90 -3.63 -36.36
N GLY B 177 -7.88 -3.69 -35.50
CA GLY B 177 -6.98 -2.58 -35.31
C GLY B 177 -5.70 -2.59 -36.11
N THR B 178 -5.52 -3.50 -37.08
CA THR B 178 -4.30 -3.55 -37.86
C THR B 178 -4.52 -3.30 -39.34
N ARG B 179 -5.49 -3.98 -39.95
CA ARG B 179 -5.77 -3.84 -41.37
C ARG B 179 -7.06 -3.05 -41.59
N PRO B 180 -7.08 -2.08 -42.51
CA PRO B 180 -8.33 -1.41 -42.89
C PRO B 180 -9.51 -2.36 -43.09
N THR B 181 -10.68 -1.92 -42.61
CA THR B 181 -11.94 -2.62 -42.79
C THR B 181 -12.71 -1.96 -43.92
N TYR B 182 -13.16 -2.77 -44.88
CA TYR B 182 -13.90 -2.31 -46.04
C TYR B 182 -15.22 -3.07 -46.14
N TRP B 183 -16.31 -2.36 -46.40
CA TRP B 183 -17.58 -3.03 -46.61
C TRP B 183 -18.40 -2.23 -47.61
N THR B 184 -19.48 -2.83 -48.08
CA THR B 184 -20.23 -2.30 -49.21
C THR B 184 -21.72 -2.59 -49.04
N GLU B 185 -22.55 -1.58 -49.29
CA GLU B 185 -24.00 -1.75 -49.32
C GLU B 185 -24.55 -1.05 -50.55
N ASP B 186 -25.12 -1.83 -51.46
CA ASP B 186 -25.70 -1.31 -52.70
C ASP B 186 -24.69 -0.46 -53.47
N SER B 187 -24.94 0.84 -53.56
CA SER B 187 -24.09 1.75 -54.31
C SER B 187 -22.90 2.26 -53.52
N PHE B 188 -22.87 2.05 -52.20
CA PHE B 188 -21.88 2.66 -51.34
C PHE B 188 -20.79 1.68 -50.95
N ALA B 189 -19.56 2.19 -50.86
CA ALA B 189 -18.41 1.47 -50.34
C ALA B 189 -17.77 2.33 -49.26
N TYR B 190 -17.47 1.70 -48.12
CA TYR B 190 -16.87 2.37 -46.97
C TYR B 190 -15.53 1.72 -46.65
N LEU B 191 -14.53 2.54 -46.37
CA LEU B 191 -13.18 2.10 -46.08
C LEU B 191 -12.66 2.84 -44.85
N TYR B 192 -12.26 2.10 -43.83
CA TYR B 192 -11.69 2.66 -42.61
C TYR B 192 -10.29 2.09 -42.41
N ASP B 193 -9.31 2.96 -42.19
CA ASP B 193 -7.98 2.45 -41.87
C ASP B 193 -7.67 2.71 -40.40
N PRO B 194 -7.20 1.69 -39.67
CA PRO B 194 -7.00 1.85 -38.22
C PRO B 194 -5.78 2.68 -37.85
N ALA B 195 -5.00 3.14 -38.83
CA ALA B 195 -3.87 4.02 -38.52
C ALA B 195 -4.37 5.31 -37.88
N GLY B 196 -3.70 5.73 -36.83
CA GLY B 196 -4.14 6.87 -36.06
C GLY B 196 -5.21 6.57 -35.04
N THR B 197 -5.52 5.30 -34.80
CA THR B 197 -6.50 4.87 -33.82
C THR B 197 -5.84 3.92 -32.83
N GLU B 198 -6.10 4.13 -31.55
CA GLU B 198 -5.39 3.43 -30.48
C GLU B 198 -6.40 2.92 -29.46
N LYS B 199 -6.43 1.60 -29.26
CA LYS B 199 -7.22 0.95 -28.23
C LYS B 199 -6.28 0.34 -27.20
N LYS B 200 -6.42 0.77 -25.94
CA LYS B 200 -5.48 0.39 -24.89
C LYS B 200 -6.21 -0.08 -23.65
N THR B 201 -5.52 -0.87 -22.84
CA THR B 201 -5.96 -1.31 -21.52
C THR B 201 -5.00 -0.75 -20.49
N GLU B 202 -5.54 -0.25 -19.37
CA GLU B 202 -4.75 0.60 -18.49
C GLU B 202 -5.18 0.45 -17.04
N SER B 203 -4.23 0.19 -16.15
CA SER B 203 -4.48 0.18 -14.72
C SER B 203 -4.39 1.61 -14.20
N THR B 204 -5.51 2.16 -13.73
CA THR B 204 -5.55 3.54 -13.27
C THR B 204 -6.48 3.62 -12.07
N PHE B 205 -6.93 4.84 -11.76
CA PHE B 205 -7.80 5.09 -10.62
C PHE B 205 -8.90 6.06 -11.03
N LEU B 206 -10.01 6.01 -10.31
CA LEU B 206 -11.12 6.94 -10.49
C LEU B 206 -11.48 7.57 -9.16
N TRP B 207 -12.04 8.77 -9.22
CA TRP B 207 -12.54 9.46 -8.03
C TRP B 207 -14.05 9.24 -7.97
N CYS B 208 -14.48 8.40 -7.03
CA CYS B 208 -15.88 8.01 -6.93
C CYS B 208 -16.42 8.39 -5.56
N PHE B 209 -17.73 8.59 -5.50
CA PHE B 209 -18.45 8.80 -4.26
C PHE B 209 -19.11 7.49 -3.86
N LYS B 210 -18.68 6.91 -2.74
CA LYS B 210 -19.30 5.71 -2.22
C LYS B 210 -20.25 6.10 -1.09
N GLU B 211 -21.47 5.60 -1.16
CA GLU B 211 -22.52 5.94 -0.20
C GLU B 211 -23.39 4.72 0.07
N HIS B 212 -23.58 4.42 1.35
CA HIS B 212 -24.50 3.36 1.77
C HIS B 212 -25.90 3.63 1.24
N ILE B 213 -26.60 2.56 0.88
CA ILE B 213 -28.01 2.64 0.53
C ILE B 213 -28.81 2.85 1.81
N PHE B 239 -23.31 -0.67 -0.76
CA PHE B 239 -22.91 0.68 -1.14
C PHE B 239 -23.29 1.01 -2.58
N ASN B 240 -23.04 2.27 -2.96
CA ASN B 240 -23.18 2.72 -4.34
C ASN B 240 -22.01 3.61 -4.67
N TYR B 241 -21.52 3.51 -5.91
CA TYR B 241 -20.29 4.17 -6.34
C TYR B 241 -20.58 5.04 -7.55
N TYR B 242 -20.38 6.35 -7.41
CA TYR B 242 -20.68 7.33 -8.45
C TYR B 242 -19.37 7.91 -8.95
N CYS B 243 -19.02 7.58 -10.19
CA CYS B 243 -17.69 7.82 -10.72
C CYS B 243 -17.72 8.76 -11.92
N ARG B 244 -16.53 9.29 -12.23
CA ARG B 244 -16.32 10.23 -13.31
C ARG B 244 -15.00 9.92 -13.99
N ASP B 245 -14.96 10.12 -15.31
CA ASP B 245 -13.69 10.00 -16.04
C ASP B 245 -13.62 10.96 -17.22
N ASN B 246 -13.66 10.42 -18.44
CA ASN B 246 -13.40 11.21 -19.64
C ASN B 246 -14.69 11.87 -20.12
N GLY B 247 -15.09 12.90 -19.39
CA GLY B 247 -16.40 13.50 -19.65
C GLY B 247 -17.59 12.58 -19.43
N TYR B 248 -17.39 11.44 -18.78
CA TYR B 248 -18.41 10.41 -18.57
C TYR B 248 -18.66 10.28 -17.08
N TYR B 249 -19.91 10.28 -16.69
CA TYR B 249 -20.32 10.11 -15.30
C TYR B 249 -21.21 8.87 -15.24
N PHE B 250 -20.92 7.98 -14.30
CA PHE B 250 -21.54 6.66 -14.35
C PHE B 250 -21.33 5.95 -13.03
N GLU B 251 -22.25 5.06 -12.70
CA GLU B 251 -22.07 4.16 -11.57
C GLU B 251 -21.13 3.02 -11.95
N LEU B 252 -20.35 2.58 -10.97
CA LEU B 252 -19.42 1.47 -11.14
C LEU B 252 -19.69 0.44 -10.07
N PRO B 253 -20.64 -0.46 -10.28
CA PRO B 253 -20.94 -1.50 -9.27
C PRO B 253 -19.81 -2.51 -9.13
N ALA B 254 -19.98 -3.45 -8.20
CA ALA B 254 -18.97 -4.47 -7.96
C ALA B 254 -19.24 -5.69 -8.83
N ASN B 255 -18.16 -6.28 -9.33
CA ASN B 255 -18.21 -7.49 -10.16
C ASN B 255 -19.05 -7.28 -11.42
N ARG B 256 -18.85 -6.13 -12.07
CA ARG B 256 -19.53 -5.84 -13.33
C ARG B 256 -18.65 -4.92 -14.17
N LEU B 257 -18.56 -5.21 -15.46
CA LEU B 257 -17.84 -4.37 -16.41
C LEU B 257 -18.81 -3.32 -16.96
N VAL B 258 -18.51 -2.05 -16.72
CA VAL B 258 -19.36 -0.94 -17.15
C VAL B 258 -18.78 -0.36 -18.43
N CYS B 259 -19.52 -0.46 -19.53
CA CYS B 259 -19.05 0.03 -20.82
C CYS B 259 -19.78 1.31 -21.21
N LEU B 260 -19.02 2.19 -21.86
CA LEU B 260 -19.46 3.47 -22.39
C LEU B 260 -18.82 3.64 -23.76
N PRO B 261 -19.41 4.47 -24.65
CA PRO B 261 -19.01 4.48 -26.07
C PRO B 261 -17.51 4.28 -26.36
N THR B 262 -16.64 5.04 -25.70
CA THR B 262 -15.22 4.99 -26.00
C THR B 262 -14.37 4.47 -24.84
N SER B 263 -14.98 3.91 -23.80
CA SER B 263 -14.21 3.47 -22.64
C SER B 263 -15.03 2.46 -21.85
N CYS B 264 -14.38 1.42 -21.35
CA CYS B 264 -15.01 0.48 -20.42
C CYS B 264 -14.17 0.39 -19.16
N TYR B 265 -14.84 0.16 -18.03
CA TYR B 265 -14.21 0.22 -16.71
C TYR B 265 -14.59 -1.02 -15.91
N LYS B 266 -13.61 -1.52 -15.16
CA LYS B 266 -13.78 -2.71 -14.34
C LYS B 266 -12.95 -2.56 -13.08
N ARG B 267 -13.44 -3.10 -11.97
CA ARG B 267 -12.69 -3.04 -10.73
C ARG B 267 -11.46 -3.95 -10.81
N GLU B 268 -10.32 -3.42 -10.37
CA GLU B 268 -9.05 -4.14 -10.49
C GLU B 268 -9.07 -5.41 -9.64
N GLY B 269 -8.77 -6.55 -10.27
CA GLY B 269 -8.78 -7.81 -9.56
C GLY B 269 -10.13 -8.34 -9.17
N ALA B 270 -11.20 -7.76 -9.70
CA ALA B 270 -12.56 -8.21 -9.41
C ALA B 270 -13.09 -9.05 -10.56
N ILE B 271 -13.90 -10.06 -10.21
CA ILE B 271 -14.42 -11.00 -11.20
C ILE B 271 -15.62 -10.36 -11.88
N VAL B 272 -15.46 -9.98 -13.15
CA VAL B 272 -16.60 -9.55 -13.96
C VAL B 272 -17.54 -10.74 -14.15
N ASN B 273 -18.84 -10.45 -14.15
CA ASN B 273 -19.82 -11.47 -14.48
C ASN B 273 -19.54 -12.05 -15.87
N THR B 274 -20.09 -13.23 -16.12
CA THR B 274 -19.93 -13.89 -17.42
C THR B 274 -20.36 -12.95 -18.55
N MET B 275 -21.64 -12.63 -18.61
CA MET B 275 -22.15 -11.64 -19.54
C MET B 275 -22.87 -10.55 -18.75
N HIS B 276 -23.95 -10.02 -19.31
CA HIS B 276 -24.79 -9.01 -18.66
C HIS B 276 -24.00 -7.83 -18.10
N PRO B 277 -23.24 -7.12 -18.94
CA PRO B 277 -22.52 -5.95 -18.46
C PRO B 277 -23.33 -4.68 -18.67
N ASN B 278 -23.04 -3.68 -17.85
CA ASN B 278 -23.67 -2.37 -18.01
C ASN B 278 -23.04 -1.67 -19.21
N THR B 279 -23.69 -1.78 -20.37
CA THR B 279 -23.17 -1.23 -21.61
C THR B 279 -24.05 -0.09 -22.09
N TRP B 280 -23.47 0.79 -22.89
CA TRP B 280 -24.18 1.95 -23.41
C TRP B 280 -25.24 1.51 -24.41
N LYS B 281 -26.39 2.16 -24.35
CA LYS B 281 -27.50 1.82 -25.24
C LYS B 281 -27.32 2.55 -26.57
N VAL B 282 -27.13 1.78 -27.65
CA VAL B 282 -26.96 2.37 -28.97
C VAL B 282 -28.19 3.19 -29.36
N SER B 283 -29.37 2.77 -28.88
CA SER B 283 -30.59 3.53 -29.13
C SER B 283 -30.44 4.99 -28.74
N GLU B 284 -29.78 5.26 -27.61
CA GLU B 284 -29.62 6.62 -27.13
C GLU B 284 -28.60 7.42 -27.92
N LYS B 285 -27.62 6.76 -28.53
CA LYS B 285 -26.71 7.45 -29.44
C LYS B 285 -27.31 7.69 -30.82
N LEU B 286 -28.26 6.86 -31.24
CA LEU B 286 -28.95 7.08 -32.51
C LEU B 286 -30.04 8.14 -32.40
N HIS B 287 -30.79 8.13 -31.31
CA HIS B 287 -31.98 8.94 -31.16
C HIS B 287 -31.68 10.23 -30.39
N SER B 288 -32.39 11.29 -30.75
CA SER B 288 -32.17 12.60 -30.17
C SER B 288 -33.06 12.81 -28.95
N ALA B 289 -32.64 13.76 -28.11
CA ALA B 289 -33.40 14.13 -26.93
C ALA B 289 -34.38 15.25 -27.28
N SER B 290 -35.60 15.14 -26.76
CA SER B 290 -36.61 16.15 -27.03
C SER B 290 -36.34 17.41 -26.24
N GLN B 291 -36.99 18.50 -26.66
CA GLN B 291 -36.93 19.73 -25.88
C GLN B 291 -37.54 19.53 -24.50
N PHE B 292 -38.57 18.68 -24.42
CA PHE B 292 -39.20 18.40 -23.12
C PHE B 292 -38.24 17.70 -22.17
N ASP B 293 -37.42 16.77 -22.69
CA ASP B 293 -36.41 16.12 -21.87
C ASP B 293 -35.48 17.14 -21.23
N VAL B 294 -34.90 18.02 -22.04
CA VAL B 294 -33.91 18.96 -21.54
C VAL B 294 -34.56 19.97 -20.61
N ASN B 295 -35.76 20.43 -20.94
CA ASN B 295 -36.48 21.34 -20.04
C ASN B 295 -36.76 20.67 -18.70
N ASN B 296 -37.05 19.36 -18.72
CA ASN B 296 -37.25 18.63 -17.47
C ASN B 296 -35.95 18.49 -16.69
N VAL B 297 -34.81 18.35 -17.38
CA VAL B 297 -33.53 18.39 -16.70
C VAL B 297 -33.32 19.74 -16.04
N VAL B 298 -33.68 20.82 -16.73
CA VAL B 298 -33.60 22.16 -16.15
C VAL B 298 -34.45 22.25 -14.90
N HIS B 299 -35.68 21.73 -14.96
CA HIS B 299 -36.57 21.77 -13.80
C HIS B 299 -35.99 20.97 -12.64
N SER B 300 -35.34 19.83 -12.94
CA SER B 300 -34.67 19.08 -11.89
C SER B 300 -33.56 19.91 -11.25
N LEU B 301 -32.77 20.60 -12.07
CA LEU B 301 -31.74 21.49 -11.54
C LEU B 301 -32.36 22.55 -10.63
N VAL B 302 -33.51 23.10 -11.02
CA VAL B 302 -34.17 24.12 -10.20
C VAL B 302 -34.58 23.53 -8.85
N TYR B 303 -35.19 22.34 -8.87
CA TYR B 303 -35.60 21.69 -7.64
C TYR B 303 -34.41 21.47 -6.72
N GLU B 304 -33.33 20.88 -7.25
CA GLU B 304 -32.14 20.62 -6.45
C GLU B 304 -31.57 21.92 -5.88
N THR B 305 -31.49 22.97 -6.70
CA THR B 305 -30.97 24.23 -6.22
C THR B 305 -31.86 24.84 -5.14
N GLU B 306 -33.16 24.61 -5.20
CA GLU B 306 -34.04 25.02 -4.11
C GLU B 306 -33.65 24.30 -2.83
N GLY B 307 -33.44 22.99 -2.91
CA GLY B 307 -32.96 22.26 -1.74
C GLY B 307 -31.67 22.82 -1.19
N LEU B 308 -30.71 23.12 -2.07
CA LEU B 308 -29.43 23.65 -1.62
C LEU B 308 -29.56 25.04 -1.00
N ARG B 309 -30.47 25.86 -1.54
CA ARG B 309 -30.77 27.14 -0.93
C ARG B 309 -31.29 26.96 0.49
N LEU B 310 -32.22 26.01 0.67
CA LEU B 310 -32.73 25.71 2.01
C LEU B 310 -31.59 25.34 2.95
N ALA B 311 -30.76 24.38 2.54
CA ALA B 311 -29.69 23.91 3.41
C ALA B 311 -28.72 25.03 3.77
N LEU B 312 -28.25 25.77 2.77
CA LEU B 312 -27.28 26.84 3.03
C LEU B 312 -27.87 27.91 3.92
N SER B 313 -29.16 28.22 3.75
CA SER B 313 -29.80 29.19 4.63
C SER B 313 -29.86 28.67 6.06
N GLN B 314 -30.16 27.38 6.23
CA GLN B 314 -30.17 26.80 7.57
C GLN B 314 -28.80 26.92 8.23
N LEU B 315 -27.73 26.55 7.49
CA LEU B 315 -26.38 26.66 8.04
C LEU B 315 -26.06 28.10 8.42
N ASP B 316 -26.40 29.04 7.54
CA ASP B 316 -26.17 30.46 7.84
C ASP B 316 -26.85 30.85 9.15
N HIS B 317 -28.11 30.46 9.32
CA HIS B 317 -28.84 30.77 10.55
C HIS B 317 -28.14 30.15 11.76
N ARG B 318 -27.67 28.91 11.63
CA ARG B 318 -26.89 28.30 12.69
C ARG B 318 -25.71 29.18 13.08
N PHE B 319 -25.01 29.72 12.08
CA PHE B 319 -23.88 30.60 12.38
C PHE B 319 -24.33 31.85 13.11
N ALA B 320 -25.50 32.39 12.76
CA ALA B 320 -26.04 33.52 13.51
C ALA B 320 -26.25 33.15 14.98
N THR B 321 -26.87 32.00 15.23
CA THR B 321 -27.10 31.56 16.61
C THR B 321 -25.79 31.45 17.37
N LEU B 322 -24.81 30.73 16.80
CA LEU B 322 -23.51 30.59 17.47
C LEU B 322 -22.87 31.94 17.71
N SER B 323 -23.06 32.88 16.79
CA SER B 323 -22.56 34.24 17.01
C SER B 323 -23.17 34.84 18.27
N ARG B 324 -24.50 34.73 18.42
CA ARG B 324 -25.16 35.29 19.59
C ARG B 324 -24.64 34.64 20.88
N LEU B 325 -24.72 33.31 20.96
CA LEU B 325 -24.29 32.60 22.16
C LEU B 325 -22.84 32.92 22.50
N PHE B 326 -21.95 32.82 21.52
CA PHE B 326 -20.54 33.09 21.75
C PHE B 326 -20.31 34.52 22.20
N ASN B 327 -21.12 35.46 21.71
CA ASN B 327 -20.97 36.85 22.15
C ASN B 327 -21.35 37.00 23.61
N ARG B 328 -22.49 36.44 24.01
CA ARG B 328 -22.91 36.55 25.42
C ARG B 328 -21.89 35.89 26.35
N LEU B 329 -21.47 34.68 26.01
CA LEU B 329 -20.50 33.98 26.85
C LEU B 329 -19.16 34.71 26.89
N THR B 330 -18.75 35.29 25.76
CA THR B 330 -17.54 36.11 25.75
C THR B 330 -17.68 37.31 26.67
N GLN B 331 -18.85 37.95 26.67
CA GLN B 331 -19.12 39.00 27.65
C GLN B 331 -18.91 38.49 29.07
N SER B 332 -19.46 37.32 29.38
CA SER B 332 -19.35 36.76 30.73
C SER B 332 -17.88 36.57 31.12
N LEU B 333 -17.12 35.83 30.31
CA LEU B 333 -15.74 35.52 30.68
C LEU B 333 -14.84 36.76 30.63
N ALA B 334 -15.20 37.75 29.82
CA ALA B 334 -14.35 38.92 29.68
C ALA B 334 -14.33 39.76 30.96
N LYS B 335 -15.48 39.91 31.62
CA LYS B 335 -15.54 40.64 32.88
C LYS B 335 -14.62 40.04 33.94
N ILE B 336 -14.21 38.78 33.76
CA ILE B 336 -13.29 38.12 34.68
C ILE B 336 -11.85 38.21 34.18
N ASP B 337 -11.64 38.05 32.88
CA ASP B 337 -10.31 38.10 32.27
C ASP B 337 -10.30 39.30 31.32
N ASP B 338 -9.71 40.42 31.78
CA ASP B 338 -9.66 41.62 30.97
C ASP B 338 -8.64 41.54 29.84
N ARG B 339 -7.93 40.43 29.69
CA ARG B 339 -7.01 40.21 28.59
C ARG B 339 -7.61 39.37 27.48
N LEU B 340 -8.83 38.86 27.66
CA LEU B 340 -9.40 37.90 26.72
C LEU B 340 -9.90 38.60 25.45
N LEU B 341 -10.63 39.71 25.59
CA LEU B 341 -11.13 40.41 24.42
C LEU B 341 -9.98 40.82 23.50
N GLY B 342 -8.88 41.28 24.08
CA GLY B 342 -7.71 41.59 23.26
C GLY B 342 -7.21 40.38 22.50
N THR B 343 -7.07 39.25 23.18
CA THR B 343 -6.63 38.04 22.49
C THR B 343 -7.65 37.58 21.45
N LEU B 344 -8.91 38.00 21.57
CA LEU B 344 -9.92 37.69 20.58
C LEU B 344 -9.84 38.61 19.37
N LEU B 345 -9.33 39.82 19.55
CA LEU B 345 -9.20 40.78 18.46
C LEU B 345 -7.81 40.78 17.83
N GLY B 346 -6.88 39.98 18.34
CA GLY B 346 -5.50 40.07 17.88
C GLY B 346 -4.79 41.36 18.26
N GLN B 347 -5.48 42.29 18.91
CA GLN B 347 -4.90 43.49 19.46
C GLN B 347 -4.58 43.24 20.93
N ASP B 348 -3.57 43.93 21.43
CA ASP B 348 -3.22 43.81 22.83
C ASP B 348 -3.79 45.01 23.58
N VAL B 349 -4.75 44.72 24.45
CA VAL B 349 -5.62 45.74 25.01
C VAL B 349 -6.30 45.09 26.21
N SER B 350 -6.77 45.92 27.15
CA SER B 350 -7.44 45.40 28.34
C SER B 350 -8.84 45.99 28.41
N SER B 351 -9.81 45.14 28.77
CA SER B 351 -11.21 45.51 28.80
C SER B 351 -11.62 45.94 30.20
N LYS B 352 -12.65 46.78 30.25
CA LYS B 352 -13.21 47.27 31.51
C LYS B 352 -14.69 47.52 31.27
N PHE B 353 -15.55 46.73 31.92
CA PHE B 353 -16.97 46.78 31.65
C PHE B 353 -17.63 47.81 32.55
N ILE B 354 -18.15 48.89 31.94
CA ILE B 354 -18.95 49.89 32.65
C ILE B 354 -20.42 49.53 32.65
N SER B 355 -20.79 48.40 32.04
CA SER B 355 -22.18 48.00 31.86
C SER B 355 -22.19 46.52 31.54
N PRO B 356 -23.31 45.82 31.76
CA PRO B 356 -23.37 44.39 31.41
C PRO B 356 -22.93 44.09 29.99
N THR B 357 -23.23 44.97 29.03
CA THR B 357 -22.84 44.77 27.65
C THR B 357 -21.82 45.77 27.14
N LYS B 358 -21.71 46.94 27.76
CA LYS B 358 -20.79 47.98 27.31
C LYS B 358 -19.45 47.86 28.02
N PHE B 359 -18.39 48.24 27.31
CA PHE B 359 -17.05 48.08 27.85
C PHE B 359 -16.09 49.02 27.12
N MET B 360 -15.00 49.35 27.80
CA MET B 360 -13.98 50.27 27.32
C MET B 360 -12.63 49.57 27.26
N LEU B 361 -11.77 50.01 26.34
CA LEU B 361 -10.54 49.30 26.03
C LEU B 361 -9.34 50.22 26.21
N SER B 362 -8.31 49.73 26.92
CA SER B 362 -7.07 50.45 27.15
C SER B 362 -5.91 49.76 26.46
N PRO B 363 -5.06 50.48 25.73
CA PRO B 363 -4.08 49.80 24.86
C PRO B 363 -2.99 49.07 25.65
N CYS B 364 -1.99 48.54 24.93
CA CYS B 364 -0.74 47.96 25.42
C CYS B 364 -0.27 46.79 24.57
N LEU B 365 0.62 45.97 25.13
CA LEU B 365 1.09 44.71 24.56
C LEU B 365 2.03 44.05 25.56
N SER B 400 6.81 21.67 21.46
CA SER B 400 5.46 21.59 22.00
C SER B 400 4.55 20.81 21.04
N GLN B 401 3.59 19.98 21.63
CA GLN B 401 2.69 19.12 20.87
C GLN B 401 1.40 19.86 20.52
N PRO B 402 0.79 19.53 19.37
CA PRO B 402 -0.50 20.10 19.01
C PRO B 402 -1.66 19.24 19.48
N VAL B 403 -2.75 19.90 19.87
CA VAL B 403 -3.97 19.24 20.33
C VAL B 403 -5.16 19.88 19.61
N ASP B 404 -6.00 19.05 18.99
CA ASP B 404 -7.07 19.49 18.11
C ASP B 404 -8.41 19.10 18.71
N LEU B 405 -9.21 20.09 19.11
CA LEU B 405 -10.51 19.83 19.72
C LEU B 405 -11.60 19.56 18.70
N TYR B 406 -11.46 20.07 17.48
CA TYR B 406 -12.56 20.15 16.53
C TYR B 406 -12.57 19.03 15.50
N SER B 407 -11.39 18.53 15.12
CA SER B 407 -11.28 17.47 14.10
C SER B 407 -11.93 17.88 12.78
N PHE B 408 -11.88 19.17 12.46
CA PHE B 408 -12.40 19.65 11.18
C PHE B 408 -11.52 19.15 10.05
N LYS B 409 -12.13 18.47 9.08
CA LYS B 409 -11.39 17.91 7.95
C LYS B 409 -11.56 18.79 6.72
N GLU B 410 -10.72 18.53 5.73
CA GLU B 410 -10.73 19.29 4.49
C GLU B 410 -12.09 19.18 3.81
N LEU B 411 -12.72 20.33 3.57
CA LEU B 411 -14.03 20.35 2.94
C LEU B 411 -13.87 20.17 1.43
N TRP B 412 -14.66 19.29 0.85
CA TRP B 412 -14.58 19.01 -0.58
C TRP B 412 -15.48 19.97 -1.35
N LEU B 413 -14.87 20.80 -2.15
CA LEU B 413 -15.60 21.69 -3.04
C LEU B 413 -15.90 21.00 -4.35
N PRO B 414 -17.11 21.16 -4.89
CA PRO B 414 -17.43 20.55 -6.19
C PRO B 414 -16.58 21.15 -7.29
N GLN B 415 -16.06 20.29 -8.15
CA GLN B 415 -15.26 20.74 -9.28
C GLN B 415 -16.15 21.01 -10.49
N LEU B 416 -15.64 21.82 -11.39
CA LEU B 416 -16.37 22.13 -12.62
C LEU B 416 -16.44 20.89 -13.50
N LEU B 417 -17.65 20.41 -13.75
CA LEU B 417 -17.85 19.16 -14.46
C LEU B 417 -17.72 19.38 -15.97
N ASP B 418 -16.80 18.66 -16.59
CA ASP B 418 -16.60 18.70 -18.04
C ASP B 418 -17.36 17.52 -18.64
N VAL B 419 -18.44 17.81 -19.38
CA VAL B 419 -19.42 16.82 -19.79
C VAL B 419 -19.46 16.76 -21.31
N ASN B 420 -19.44 15.55 -21.86
CA ASN B 420 -19.42 15.35 -23.31
C ASN B 420 -20.81 15.49 -23.90
N VAL B 421 -20.92 16.20 -25.02
CA VAL B 421 -22.16 16.34 -25.77
C VAL B 421 -21.78 16.21 -27.23
N LYS B 422 -22.04 15.04 -27.82
CA LYS B 422 -21.56 14.71 -29.16
C LYS B 422 -22.66 14.63 -30.21
N GLY B 423 -23.94 14.61 -29.83
CA GLY B 423 -25.00 14.55 -30.82
C GLY B 423 -25.31 13.13 -31.27
N VAL B 424 -26.17 13.05 -32.29
CA VAL B 424 -26.64 11.78 -32.81
C VAL B 424 -25.73 11.32 -33.95
N VAL B 425 -25.78 10.02 -34.23
CA VAL B 425 -24.90 9.43 -35.24
C VAL B 425 -25.25 9.93 -36.64
N ALA B 426 -26.54 10.14 -36.90
CA ALA B 426 -26.97 10.56 -38.23
C ALA B 426 -26.38 11.92 -38.63
N ASP B 427 -26.01 12.75 -37.66
CA ASP B 427 -25.43 14.06 -37.95
C ASP B 427 -23.91 14.02 -38.06
N GLU B 428 -23.29 12.84 -37.92
CA GLU B 428 -21.88 12.71 -38.29
C GLU B 428 -21.70 13.03 -39.76
N GLU B 429 -20.58 13.67 -40.08
CA GLU B 429 -20.40 14.24 -41.41
C GLU B 429 -20.52 13.19 -42.51
N GLY B 430 -20.03 11.98 -42.25
CA GLY B 430 -20.06 10.94 -43.27
C GLY B 430 -21.47 10.45 -43.56
N TRP B 431 -22.21 10.10 -42.50
CA TRP B 431 -23.57 9.64 -42.70
C TRP B 431 -24.48 10.74 -43.23
N SER B 432 -24.21 11.99 -42.83
CA SER B 432 -24.87 13.13 -43.47
C SER B 432 -24.60 13.17 -44.96
N PHE B 433 -23.34 12.94 -45.36
CA PHE B 433 -22.99 12.87 -46.77
C PHE B 433 -23.77 11.76 -47.47
N VAL B 434 -23.90 10.60 -46.83
CA VAL B 434 -24.62 9.49 -47.43
C VAL B 434 -26.09 9.86 -47.65
N ALA B 435 -26.76 10.33 -46.59
CA ALA B 435 -28.17 10.69 -46.72
C ALA B 435 -28.36 11.78 -47.78
N GLN B 436 -27.44 12.74 -47.83
CA GLN B 436 -27.53 13.79 -48.86
C GLN B 436 -27.45 13.20 -50.26
N SER B 437 -26.47 12.31 -50.49
CA SER B 437 -26.32 11.73 -51.82
C SER B 437 -27.55 10.93 -52.22
N LYS B 438 -28.10 10.15 -51.28
CA LYS B 438 -29.33 9.41 -51.57
C LYS B 438 -30.46 10.37 -51.95
N GLN B 439 -30.63 11.44 -51.16
CA GLN B 439 -31.70 12.39 -51.47
C GLN B 439 -31.48 13.07 -52.82
N ALA B 440 -30.21 13.28 -53.21
CA ALA B 440 -29.94 13.84 -54.52
C ALA B 440 -30.33 12.86 -55.63
N LEU B 441 -30.00 11.58 -55.45
CA LEU B 441 -30.44 10.57 -56.41
C LEU B 441 -31.96 10.56 -56.54
N ILE B 442 -32.68 10.57 -55.42
CA ILE B 442 -34.14 10.64 -55.47
C ILE B 442 -34.59 11.89 -56.20
N ASP B 443 -33.90 13.02 -55.95
CA ASP B 443 -34.28 14.28 -56.59
C ASP B 443 -34.10 14.24 -58.10
N THR B 444 -33.09 13.49 -58.59
CA THR B 444 -32.86 13.45 -60.03
C THR B 444 -33.69 12.39 -60.74
N MET B 445 -34.27 11.43 -60.01
CA MET B 445 -35.11 10.40 -60.59
C MET B 445 -36.58 10.78 -60.61
N THR B 446 -36.91 12.06 -60.43
CA THR B 446 -38.30 12.47 -60.30
C THR B 446 -39.07 12.23 -61.60
N TYR B 447 -38.45 12.53 -62.74
CA TYR B 447 -39.13 12.33 -64.02
C TYR B 447 -38.10 12.11 -65.11
N THR B 448 -38.56 11.50 -66.20
CA THR B 448 -37.71 11.18 -67.33
C THR B 448 -37.48 12.41 -68.19
N LYS B 449 -36.28 12.48 -68.79
CA LYS B 449 -35.88 13.62 -69.60
C LYS B 449 -35.46 13.13 -70.98
N ASN B 450 -36.17 13.58 -72.01
CA ASN B 450 -35.88 13.19 -73.39
C ASN B 450 -34.64 13.94 -73.87
N GLY B 451 -33.56 13.21 -74.11
CA GLY B 451 -32.32 13.83 -74.53
C GLY B 451 -32.21 14.15 -76.00
N GLY B 452 -33.15 13.68 -76.81
CA GLY B 452 -33.12 13.92 -78.25
C GLY B 452 -33.20 15.39 -78.62
N ASN C 5 29.25 -28.81 119.12
CA ASN C 5 30.23 -28.18 118.24
C ASN C 5 31.65 -28.57 118.64
N LYS C 6 32.57 -28.54 117.68
CA LYS C 6 33.94 -28.98 117.88
C LYS C 6 34.91 -27.85 117.52
N ALA C 7 36.20 -28.17 117.57
CA ALA C 7 37.25 -27.22 117.25
C ALA C 7 37.86 -27.43 115.87
N GLN C 8 37.41 -28.46 115.14
CA GLN C 8 37.91 -28.76 113.80
C GLN C 8 37.28 -27.77 112.82
N GLN C 9 37.88 -26.59 112.71
CA GLN C 9 37.33 -25.53 111.88
C GLN C 9 37.62 -25.78 110.40
N GLN C 10 37.06 -26.90 109.90
CA GLN C 10 37.19 -27.24 108.50
C GLN C 10 36.57 -26.16 107.62
N GLY C 11 37.32 -25.10 107.38
CA GLY C 11 37.00 -24.13 106.35
C GLY C 11 38.20 -24.11 105.42
N PRO C 12 38.48 -22.96 104.81
CA PRO C 12 37.65 -21.76 104.78
C PRO C 12 36.80 -21.68 103.50
N TYR C 13 35.67 -20.98 103.55
CA TYR C 13 34.68 -20.99 102.47
C TYR C 13 34.30 -19.56 102.08
N THR C 14 33.54 -19.43 101.00
CA THR C 14 33.16 -18.12 100.48
C THR C 14 32.04 -18.30 99.48
N LEU C 15 30.98 -17.50 99.62
CA LEU C 15 29.86 -17.56 98.69
C LEU C 15 30.22 -16.97 97.33
N VAL C 16 29.58 -17.48 96.28
CA VAL C 16 29.82 -17.03 94.92
C VAL C 16 28.52 -16.54 94.30
N ASP C 17 28.61 -15.47 93.52
CA ASP C 17 27.47 -14.97 92.77
C ASP C 17 27.29 -15.76 91.49
N TYR C 18 26.05 -15.89 91.06
CA TYR C 18 25.75 -16.53 89.79
C TYR C 18 25.91 -15.54 88.65
N GLN C 19 26.78 -15.84 87.70
CA GLN C 19 26.94 -15.03 86.50
C GLN C 19 26.44 -15.82 85.31
N GLU C 20 25.44 -15.30 84.63
CA GLU C 20 25.04 -15.82 83.33
C GLU C 20 26.02 -15.29 82.27
N LYS C 21 25.88 -15.82 81.05
CA LYS C 21 26.78 -15.43 79.97
C LYS C 21 26.24 -14.20 79.26
N PRO C 22 26.88 -13.04 79.38
CA PRO C 22 26.33 -11.82 78.77
C PRO C 22 27.06 -11.40 77.50
N LEU C 23 26.61 -10.27 76.93
CA LEU C 23 26.89 -9.71 75.60
C LEU C 23 25.53 -9.37 75.00
N ASN C 24 25.10 -10.17 74.01
CA ASN C 24 23.70 -10.43 73.74
C ASN C 24 22.91 -9.34 73.02
N ILE C 25 21.59 -9.38 73.22
CA ILE C 25 20.58 -8.90 72.28
C ILE C 25 19.89 -7.66 72.83
N SER C 26 19.36 -6.83 71.92
CA SER C 26 18.48 -5.75 72.35
C SER C 26 17.45 -5.44 71.28
N ARG C 27 16.25 -5.09 71.73
CA ARG C 27 15.18 -4.65 70.84
C ARG C 27 15.34 -3.16 70.56
N ILE C 28 15.43 -2.79 69.28
CA ILE C 28 15.67 -1.40 68.89
C ILE C 28 14.78 -1.03 67.70
N GLN C 29 14.47 0.25 67.62
CA GLN C 29 13.87 0.82 66.42
C GLN C 29 14.96 1.12 65.39
N ILE C 30 14.66 0.86 64.12
CA ILE C 30 15.60 1.09 63.03
C ILE C 30 14.94 2.03 62.04
N LYS C 31 15.53 3.21 61.86
CA LYS C 31 15.06 4.16 60.86
C LYS C 31 15.38 3.64 59.46
N VAL C 32 14.35 3.35 58.67
CA VAL C 32 14.52 2.77 57.35
C VAL C 32 13.79 3.62 56.32
N VAL C 33 14.24 3.51 55.07
CA VAL C 33 13.57 4.12 53.93
C VAL C 33 12.73 3.03 53.29
N LYS C 34 11.44 3.04 53.59
CA LYS C 34 10.52 2.01 53.12
C LYS C 34 9.84 2.50 51.83
N THR C 35 10.09 1.80 50.73
CA THR C 35 9.39 2.01 49.47
C THR C 35 8.35 0.91 49.33
N SER C 36 7.08 1.27 49.51
CA SER C 36 5.98 0.33 49.50
C SER C 36 5.15 0.50 48.23
N VAL C 37 4.06 -0.25 48.17
CA VAL C 37 3.10 -0.16 47.06
C VAL C 37 1.81 -0.84 47.46
N ALA C 38 0.67 -0.18 47.20
CA ALA C 38 -0.64 -0.70 47.55
C ALA C 38 -1.55 -0.59 46.33
N THR C 39 -2.43 -1.58 46.16
CA THR C 39 -3.28 -1.67 44.98
C THR C 39 -4.71 -2.00 45.41
N LYS C 40 -5.68 -1.55 44.61
CA LYS C 40 -7.09 -1.79 44.90
C LYS C 40 -7.89 -1.79 43.61
N GLY C 41 -9.03 -2.47 43.64
CA GLY C 41 -9.96 -2.47 42.54
C GLY C 41 -9.70 -3.59 41.53
N LEU C 42 -10.56 -3.63 40.52
CA LEU C 42 -10.44 -4.58 39.41
C LEU C 42 -9.64 -3.93 38.31
N ASN C 43 -8.32 -3.89 38.49
CA ASN C 43 -7.43 -3.15 37.61
C ASN C 43 -6.70 -4.03 36.60
N PHE C 44 -7.07 -5.30 36.48
CA PHE C 44 -6.50 -6.16 35.45
C PHE C 44 -7.62 -6.71 34.57
N HIS C 45 -7.38 -6.74 33.26
CA HIS C 45 -8.42 -6.95 32.27
C HIS C 45 -7.90 -7.89 31.18
N ILE C 46 -8.64 -8.97 30.94
CA ILE C 46 -8.19 -10.12 30.16
C ILE C 46 -9.13 -10.35 29.00
N GLY C 47 -8.59 -10.43 27.79
CA GLY C 47 -9.42 -10.77 26.65
C GLY C 47 -8.76 -11.62 25.57
N TYR C 48 -9.29 -12.81 25.31
CA TYR C 48 -8.79 -13.67 24.24
C TYR C 48 -9.85 -13.82 23.16
N ARG C 49 -9.41 -14.19 21.96
CA ARG C 49 -10.30 -14.30 20.80
C ARG C 49 -9.53 -14.93 19.64
N ALA C 50 -10.21 -15.79 18.89
CA ALA C 50 -9.58 -16.50 17.78
C ALA C 50 -10.66 -17.12 16.90
N VAL C 51 -10.26 -17.46 15.67
CA VAL C 51 -11.13 -18.08 14.67
C VAL C 51 -10.62 -19.48 14.36
N TRP C 52 -11.55 -20.43 14.29
CA TRP C 52 -11.33 -21.69 13.61
C TRP C 52 -11.94 -21.58 12.23
N ARG C 53 -11.08 -21.48 11.21
CA ARG C 53 -11.55 -21.35 9.83
C ARG C 53 -11.05 -22.55 9.04
N GLY C 54 -11.99 -23.33 8.50
CA GLY C 54 -11.69 -24.46 7.64
C GLY C 54 -12.22 -24.20 6.25
N TYR C 55 -11.31 -24.05 5.29
CA TYR C 55 -11.66 -23.66 3.93
C TYR C 55 -11.22 -24.78 2.99
N CYS C 56 -12.18 -25.37 2.28
CA CYS C 56 -11.94 -26.55 1.47
C CYS C 56 -12.45 -26.34 0.06
N TYR C 57 -12.05 -27.27 -0.82
CA TYR C 57 -12.55 -27.36 -2.17
C TYR C 57 -12.64 -28.83 -2.58
N ASN C 58 -13.73 -29.18 -3.25
CA ASN C 58 -13.95 -30.53 -3.74
C ASN C 58 -13.95 -30.48 -5.27
N GLY C 59 -12.75 -30.59 -5.85
CA GLY C 59 -12.60 -30.73 -7.27
C GLY C 59 -12.43 -32.15 -7.75
N GLY C 60 -12.39 -33.11 -6.83
CA GLY C 60 -12.15 -34.51 -7.17
C GLY C 60 -10.74 -34.94 -6.82
N SER C 61 -10.54 -36.26 -6.79
CA SER C 61 -9.24 -36.82 -6.48
C SER C 61 -8.19 -36.43 -7.52
N LEU C 62 -8.60 -35.98 -8.71
CA LEU C 62 -7.66 -35.58 -9.74
C LEU C 62 -7.19 -34.15 -9.57
N ASP C 63 -8.09 -33.24 -9.20
CA ASP C 63 -7.76 -31.83 -9.07
C ASP C 63 -6.73 -31.61 -7.97
N LYS C 64 -5.58 -31.04 -8.34
CA LYS C 64 -4.51 -30.77 -7.39
C LYS C 64 -4.88 -29.71 -6.36
N ASN C 65 -6.10 -29.19 -6.40
CA ASN C 65 -6.56 -28.16 -5.47
C ASN C 65 -7.75 -28.65 -4.65
N THR C 66 -7.95 -29.96 -4.57
CA THR C 66 -9.00 -30.56 -3.74
C THR C 66 -8.43 -30.78 -2.34
N GLY C 67 -9.05 -30.18 -1.34
CA GLY C 67 -8.57 -30.36 0.02
C GLY C 67 -8.93 -29.17 0.88
N CYS C 68 -8.41 -29.20 2.11
CA CYS C 68 -8.77 -28.22 3.13
C CYS C 68 -7.53 -27.52 3.65
N TYR C 69 -7.42 -26.22 3.38
CA TYR C 69 -6.57 -25.35 4.16
C TYR C 69 -7.33 -24.92 5.40
N ASN C 70 -6.83 -25.31 6.58
CA ASN C 70 -7.47 -25.00 7.85
C ASN C 70 -6.48 -24.23 8.72
N ASP C 71 -7.02 -23.32 9.54
CA ASP C 71 -6.16 -22.62 10.50
C ASP C 71 -7.01 -22.06 11.64
N LEU C 72 -6.37 -21.97 12.80
CA LEU C 72 -6.91 -21.33 14.00
C LEU C 72 -6.16 -20.01 14.16
N ILE C 73 -6.69 -18.95 13.55
CA ILE C 73 -6.04 -17.65 13.54
C ILE C 73 -6.31 -16.92 14.85
N PRO C 74 -5.28 -16.52 15.59
CA PRO C 74 -5.52 -15.76 16.82
C PRO C 74 -5.91 -14.34 16.51
N LYS C 75 -6.74 -13.76 17.39
CA LYS C 75 -7.26 -12.41 17.21
C LYS C 75 -7.34 -11.70 18.56
N SER C 76 -6.18 -11.33 19.07
CA SER C 76 -6.12 -10.61 20.34
C SER C 76 -6.77 -9.23 20.18
N PRO C 77 -7.70 -8.86 21.05
CA PRO C 77 -8.34 -7.55 20.94
C PRO C 77 -7.34 -6.43 21.16
N THR C 78 -7.69 -5.26 20.65
CA THR C 78 -6.85 -4.08 20.84
C THR C 78 -7.08 -3.48 22.23
N GLU C 79 -6.22 -2.51 22.57
CA GLU C 79 -6.46 -1.62 23.70
C GLU C 79 -7.92 -1.16 23.70
N SER C 80 -8.31 -0.48 22.61
CA SER C 80 -9.66 0.01 22.44
C SER C 80 -10.69 -1.08 22.68
N GLU C 81 -10.58 -2.19 21.95
CA GLU C 81 -11.65 -3.18 21.97
C GLU C 81 -11.75 -3.90 23.32
N LEU C 82 -10.62 -4.14 24.00
CA LEU C 82 -10.68 -4.79 25.29
C LEU C 82 -11.16 -3.85 26.39
N ARG C 83 -10.90 -2.55 26.27
CA ARG C 83 -11.55 -1.61 27.18
C ARG C 83 -13.05 -1.56 26.94
N THR C 84 -13.46 -1.50 25.66
CA THR C 84 -14.88 -1.58 25.32
C THR C 84 -15.52 -2.83 25.91
N TRP C 85 -14.84 -3.97 25.80
CA TRP C 85 -15.34 -5.20 26.43
C TRP C 85 -15.41 -5.05 27.94
N SER C 86 -14.39 -4.41 28.54
CA SER C 86 -14.33 -4.28 29.99
C SER C 86 -15.55 -3.54 30.52
N LYS C 87 -15.94 -2.45 29.86
CA LYS C 87 -17.15 -1.75 30.28
C LYS C 87 -18.42 -2.49 29.88
N SER C 88 -18.38 -3.18 28.72
CA SER C 88 -19.55 -3.85 28.20
C SER C 88 -19.80 -5.21 28.83
N GLN C 89 -18.86 -5.73 29.63
CA GLN C 89 -18.92 -7.06 30.23
C GLN C 89 -18.84 -8.15 29.15
N LYS C 90 -18.92 -7.75 27.90
CA LYS C 90 -19.16 -8.67 26.79
C LYS C 90 -17.97 -8.70 25.84
N CYS C 91 -17.73 -9.87 25.23
CA CYS C 91 -16.62 -9.93 24.27
C CYS C 91 -17.18 -10.09 22.86
N CYS C 92 -16.62 -9.29 21.95
CA CYS C 92 -17.11 -9.13 20.59
C CYS C 92 -16.37 -10.04 19.62
N THR C 93 -17.02 -10.27 18.49
CA THR C 93 -16.54 -11.23 17.51
C THR C 93 -17.37 -11.07 16.24
N GLY C 94 -16.97 -11.80 15.21
CA GLY C 94 -17.59 -11.71 13.91
C GLY C 94 -18.37 -12.95 13.52
N PRO C 95 -18.59 -13.12 12.23
CA PRO C 95 -19.49 -14.18 11.76
C PRO C 95 -18.90 -15.57 11.96
N ASP C 96 -19.75 -16.50 12.39
CA ASP C 96 -19.43 -17.92 12.39
C ASP C 96 -20.29 -18.63 11.37
N ALA C 97 -19.67 -19.54 10.60
CA ALA C 97 -20.32 -20.15 9.46
C ALA C 97 -20.23 -21.66 9.54
N VAL C 98 -21.33 -22.34 9.21
CA VAL C 98 -21.41 -23.80 9.20
C VAL C 98 -21.84 -24.24 7.81
N ASP C 99 -20.95 -24.94 7.11
CA ASP C 99 -21.25 -25.52 5.80
C ASP C 99 -21.64 -24.44 4.79
N ALA C 100 -20.82 -23.39 4.72
CA ALA C 100 -21.04 -22.30 3.79
C ALA C 100 -20.26 -22.59 2.51
N TRP C 101 -20.98 -22.92 1.44
CA TRP C 101 -20.36 -23.38 0.20
C TRP C 101 -20.75 -22.46 -0.95
N GLY C 102 -19.92 -22.50 -2.00
CA GLY C 102 -20.13 -21.69 -3.18
C GLY C 102 -20.08 -20.21 -2.90
N SER C 103 -21.19 -19.51 -3.20
CA SER C 103 -21.27 -18.07 -2.98
C SER C 103 -20.89 -17.70 -1.55
N ASP C 104 -21.27 -18.53 -0.58
CA ASP C 104 -21.02 -18.22 0.82
C ASP C 104 -19.61 -18.52 1.26
N ALA C 105 -18.87 -19.33 0.49
CA ALA C 105 -17.57 -19.83 0.95
C ALA C 105 -16.61 -18.70 1.27
N ARG C 106 -16.60 -17.65 0.45
CA ARG C 106 -15.65 -16.57 0.66
C ARG C 106 -16.03 -15.66 1.82
N ILE C 107 -17.05 -16.01 2.60
CA ILE C 107 -17.18 -15.43 3.93
C ILE C 107 -15.95 -15.78 4.76
N CYS C 108 -15.24 -16.83 4.38
CA CYS C 108 -13.96 -17.16 4.98
C CYS C 108 -12.87 -16.13 4.68
N TRP C 109 -13.07 -15.28 3.67
CA TRP C 109 -12.01 -14.38 3.22
C TRP C 109 -12.48 -12.93 3.14
N ALA C 110 -13.50 -12.57 3.91
CA ALA C 110 -13.91 -11.18 4.03
C ALA C 110 -13.24 -10.57 5.25
N GLU C 111 -12.79 -9.33 5.13
CA GLU C 111 -12.21 -8.66 6.28
C GLU C 111 -13.34 -8.29 7.24
N TRP C 112 -13.60 -9.19 8.20
CA TRP C 112 -14.81 -9.12 9.01
C TRP C 112 -14.80 -7.88 9.90
N LYS C 113 -16.00 -7.46 10.29
CA LYS C 113 -16.19 -6.41 11.28
C LYS C 113 -16.66 -7.07 12.57
N MET C 114 -15.92 -6.86 13.65
CA MET C 114 -16.24 -7.48 14.93
C MET C 114 -17.49 -6.84 15.53
N GLU C 115 -18.66 -7.35 15.17
CA GLU C 115 -19.93 -6.69 15.48
C GLU C 115 -20.75 -7.38 16.55
N LEU C 116 -20.82 -8.70 16.57
CA LEU C 116 -21.69 -9.41 17.51
C LEU C 116 -20.87 -9.91 18.69
N CYS C 117 -21.32 -9.59 19.89
CA CYS C 117 -20.63 -9.89 21.13
C CYS C 117 -21.53 -10.75 22.01
N HIS C 118 -20.96 -11.35 23.04
CA HIS C 118 -21.79 -12.24 23.86
C HIS C 118 -21.13 -12.45 25.21
N THR C 119 -21.62 -13.47 25.94
CA THR C 119 -21.36 -13.79 27.34
C THR C 119 -20.13 -14.66 27.55
N ALA C 120 -19.85 -15.57 26.62
CA ALA C 120 -18.79 -16.58 26.71
C ALA C 120 -18.87 -17.41 25.43
N LYS C 121 -17.77 -17.51 24.69
CA LYS C 121 -17.79 -18.13 23.38
C LYS C 121 -16.85 -19.32 23.35
N GLU C 122 -17.27 -20.37 22.65
CA GLU C 122 -16.40 -21.49 22.34
C GLU C 122 -16.61 -21.85 20.87
N LEU C 123 -15.51 -21.98 20.15
CA LEU C 123 -15.59 -22.39 18.76
C LEU C 123 -15.73 -23.90 18.66
N LYS C 124 -16.40 -24.35 17.60
CA LYS C 124 -16.57 -25.77 17.35
C LYS C 124 -15.81 -26.11 16.06
N LYS C 125 -14.93 -27.10 16.16
CA LYS C 125 -14.06 -27.50 15.05
C LYS C 125 -14.90 -28.17 13.97
N TYR C 126 -15.30 -27.40 12.96
CA TYR C 126 -16.13 -27.90 11.88
C TYR C 126 -15.32 -27.99 10.60
N SER C 127 -15.50 -29.09 9.86
CA SER C 127 -14.89 -29.22 8.55
C SER C 127 -15.62 -30.32 7.78
N ASN C 128 -16.03 -30.01 6.56
CA ASN C 128 -16.51 -30.97 5.59
C ASN C 128 -16.09 -30.48 4.22
N ASN C 129 -16.19 -31.35 3.21
CA ASN C 129 -15.81 -30.95 1.86
C ASN C 129 -16.47 -31.86 0.84
N ASN C 130 -17.77 -31.66 0.62
N ASN C 130 -17.77 -31.67 0.59
CA ASN C 130 -18.58 -32.56 -0.19
CA ASN C 130 -18.48 -32.58 -0.30
C ASN C 130 -19.29 -31.89 -1.35
C ASN C 130 -19.43 -31.87 -1.26
N HIS C 131 -19.28 -30.56 -1.44
CA HIS C 131 -19.97 -29.84 -2.51
C HIS C 131 -19.05 -29.88 -3.72
N PHE C 132 -19.26 -30.88 -4.58
CA PHE C 132 -18.37 -31.13 -5.70
C PHE C 132 -18.29 -29.92 -6.62
N ALA C 133 -17.07 -29.58 -7.03
CA ALA C 133 -16.74 -28.41 -7.84
C ALA C 133 -17.00 -27.10 -7.12
N TYR C 134 -17.22 -27.14 -5.80
CA TYR C 134 -17.46 -25.93 -5.02
C TYR C 134 -16.54 -25.90 -3.81
N HIS C 135 -16.17 -24.69 -3.40
CA HIS C 135 -15.52 -24.50 -2.13
C HIS C 135 -16.54 -24.63 -1.00
N THR C 136 -16.04 -24.85 0.21
CA THR C 136 -16.90 -24.87 1.38
C THR C 136 -16.13 -24.27 2.55
N CYS C 137 -16.84 -23.53 3.39
CA CYS C 137 -16.22 -22.70 4.42
C CYS C 137 -16.89 -22.96 5.76
N ASN C 138 -16.07 -23.07 6.80
CA ASN C 138 -16.54 -23.17 8.18
C ASN C 138 -15.79 -22.15 9.02
N LEU C 139 -16.53 -21.20 9.60
CA LEU C 139 -15.98 -20.22 10.52
C LEU C 139 -16.57 -20.45 11.89
N SER C 140 -15.73 -20.44 12.93
CA SER C 140 -16.19 -20.73 14.29
C SER C 140 -15.35 -19.92 15.26
N TRP C 141 -15.97 -18.98 15.95
CA TRP C 141 -15.24 -18.03 16.79
C TRP C 141 -15.17 -18.49 18.25
N ARG C 142 -14.19 -17.94 18.96
CA ARG C 142 -14.19 -18.00 20.42
C ARG C 142 -13.57 -16.73 20.96
N CYS C 143 -14.14 -16.20 22.04
CA CYS C 143 -13.50 -15.12 22.78
C CYS C 143 -13.90 -15.24 24.24
N GLY C 144 -13.28 -14.41 25.07
CA GLY C 144 -13.53 -14.42 26.49
C GLY C 144 -12.88 -13.26 27.21
N LEU C 145 -13.52 -12.79 28.27
CA LEU C 145 -13.07 -11.61 29.00
C LEU C 145 -13.23 -11.84 30.49
N LYS C 146 -12.25 -11.39 31.27
CA LYS C 146 -12.37 -11.41 32.72
C LYS C 146 -11.69 -10.18 33.30
N SER C 147 -12.38 -9.52 34.23
CA SER C 147 -11.85 -8.34 34.92
C SER C 147 -11.61 -8.74 36.37
N THR C 148 -10.34 -8.74 36.78
CA THR C 148 -9.94 -9.19 38.10
C THR C 148 -8.94 -8.19 38.70
N HIS C 149 -8.45 -8.54 39.89
CA HIS C 149 -7.51 -7.70 40.63
C HIS C 149 -6.14 -8.35 40.61
N ILE C 150 -5.19 -7.66 40.03
CA ILE C 150 -3.78 -8.04 40.07
C ILE C 150 -3.16 -7.43 41.31
N GLU C 151 -2.09 -8.05 41.81
CA GLU C 151 -1.29 -7.48 42.89
C GLU C 151 0.12 -7.27 42.35
N VAL C 152 0.43 -6.03 41.97
CA VAL C 152 1.69 -5.71 41.32
C VAL C 152 2.78 -5.58 42.37
N ARG C 153 3.95 -6.13 42.06
CA ARG C 153 5.06 -6.28 43.00
C ARG C 153 6.21 -5.37 42.60
N LEU C 154 7.27 -5.40 43.41
CA LEU C 154 8.41 -4.51 43.26
C LEU C 154 9.67 -5.29 42.95
N GLN C 155 10.59 -4.66 42.21
CA GLN C 155 11.85 -5.31 41.89
C GLN C 155 12.89 -4.24 41.56
N ALA C 156 14.12 -4.45 42.05
CA ALA C 156 15.23 -3.53 41.83
C ALA C 156 16.22 -4.17 40.87
N SER C 157 16.66 -3.39 39.88
CA SER C 157 17.69 -3.83 38.93
C SER C 157 18.43 -2.59 38.47
N GLY C 158 19.67 -2.46 38.92
CA GLY C 158 20.36 -1.19 38.88
C GLY C 158 20.19 -0.36 40.13
N GLY C 159 19.62 -0.93 41.19
CA GLY C 159 19.31 -0.24 42.42
C GLY C 159 17.95 0.45 42.41
N LEU C 160 17.49 0.89 41.25
CA LEU C 160 16.21 1.55 41.15
C LEU C 160 15.09 0.53 41.28
N VAL C 161 14.21 0.75 42.26
CA VAL C 161 13.05 -0.11 42.41
C VAL C 161 11.98 0.32 41.41
N SER C 162 11.44 -0.65 40.69
CA SER C 162 10.37 -0.41 39.73
C SER C 162 9.26 -1.42 39.99
N MET C 163 8.08 -1.09 39.47
CA MET C 163 6.91 -1.92 39.66
C MET C 163 6.78 -2.89 38.49
N VAL C 164 6.65 -4.18 38.80
CA VAL C 164 6.48 -5.22 37.80
C VAL C 164 5.28 -6.05 38.17
N ALA C 165 4.72 -6.72 37.17
CA ALA C 165 3.75 -7.78 37.43
C ALA C 165 4.37 -9.12 37.06
N VAL C 166 4.16 -10.10 37.93
CA VAL C 166 4.68 -11.45 37.73
C VAL C 166 3.68 -12.23 36.90
N MET C 167 4.17 -12.88 35.88
CA MET C 167 3.35 -13.80 35.10
C MET C 167 3.70 -15.24 35.48
N PRO C 168 2.77 -16.18 35.27
CA PRO C 168 3.08 -17.59 35.58
C PRO C 168 4.35 -18.09 34.92
N ASN C 169 4.75 -17.49 33.80
CA ASN C 169 6.01 -17.85 33.15
C ASN C 169 7.21 -17.50 34.03
N GLY C 170 7.07 -16.56 34.95
CA GLY C 170 8.18 -15.97 35.64
C GLY C 170 8.67 -14.68 35.02
N THR C 171 8.21 -14.37 33.81
CA THR C 171 8.59 -13.13 33.15
C THR C 171 8.05 -11.94 33.93
N LEU C 172 8.96 -11.04 34.31
CA LEU C 172 8.55 -9.78 34.92
C LEU C 172 8.12 -8.83 33.82
N ILE C 173 6.90 -8.30 33.91
CA ILE C 173 6.44 -7.29 32.97
C ILE C 173 6.58 -5.92 33.62
N PRO C 174 7.33 -5.00 33.02
CA PRO C 174 7.51 -3.67 33.62
C PRO C 174 6.23 -2.86 33.58
N ILE C 175 6.07 -2.01 34.59
CA ILE C 175 4.84 -1.25 34.80
C ILE C 175 5.20 0.13 35.31
N GLU C 176 4.52 1.13 34.79
CA GLU C 176 4.52 2.46 35.40
C GLU C 176 3.12 2.76 35.95
N GLY C 177 3.09 3.68 36.91
CA GLY C 177 1.82 4.21 37.37
C GLY C 177 1.33 5.29 36.43
N THR C 178 1.41 5.01 35.13
CA THR C 178 1.20 6.01 34.08
C THR C 178 -0.20 5.89 33.47
N ARG C 179 -0.25 5.63 32.19
CA ARG C 179 -1.41 5.20 31.43
C ARG C 179 -1.48 3.67 31.43
N PRO C 180 -2.65 3.09 31.17
CA PRO C 180 -2.81 1.63 31.23
C PRO C 180 -1.78 0.83 30.43
N THR C 181 -1.10 -0.08 31.12
CA THR C 181 -0.15 -0.99 30.47
C THR C 181 -0.89 -2.05 29.66
N TYR C 182 -0.38 -2.35 28.47
CA TYR C 182 -1.08 -3.26 27.58
C TYR C 182 -0.09 -4.10 26.80
N TRP C 183 -0.31 -5.42 26.77
CA TRP C 183 0.54 -6.29 25.97
C TRP C 183 -0.31 -7.48 25.49
N THR C 184 0.32 -8.40 24.76
CA THR C 184 -0.43 -9.42 24.04
C THR C 184 0.33 -10.74 23.99
N GLU C 185 -0.39 -11.83 24.26
CA GLU C 185 0.16 -13.18 24.41
C GLU C 185 -0.57 -14.13 23.44
N ASP C 186 -0.05 -14.26 22.23
CA ASP C 186 -0.70 -15.08 21.20
C ASP C 186 -2.11 -14.58 20.91
N SER C 187 -3.11 -15.29 21.45
CA SER C 187 -4.51 -14.92 21.29
C SER C 187 -5.00 -14.00 22.40
N PHE C 188 -4.27 -13.92 23.51
CA PHE C 188 -4.69 -13.14 24.67
C PHE C 188 -4.21 -11.69 24.56
N ALA C 189 -4.96 -10.82 25.23
CA ALA C 189 -4.63 -9.41 25.36
C ALA C 189 -4.81 -8.99 26.81
N TYR C 190 -3.84 -8.24 27.30
CA TYR C 190 -3.69 -7.92 28.72
C TYR C 190 -3.68 -6.41 28.91
N LEU C 191 -4.58 -5.92 29.76
CA LEU C 191 -4.67 -4.51 30.10
C LEU C 191 -4.58 -4.33 31.62
N TYR C 192 -3.77 -3.38 32.06
CA TYR C 192 -3.54 -3.12 33.48
C TYR C 192 -3.69 -1.64 33.74
N ASP C 193 -4.67 -1.28 34.57
CA ASP C 193 -4.93 0.12 34.88
C ASP C 193 -4.11 0.53 36.10
N PRO C 194 -3.27 1.56 36.00
CA PRO C 194 -2.48 2.01 37.15
C PRO C 194 -3.20 2.96 38.11
N ALA C 195 -4.49 3.23 37.91
CA ALA C 195 -5.26 3.98 38.88
C ALA C 195 -5.70 3.05 40.01
N GLY C 196 -5.77 3.61 41.23
CA GLY C 196 -6.04 2.80 42.40
C GLY C 196 -4.84 2.05 42.92
N THR C 197 -3.65 2.29 42.39
CA THR C 197 -2.41 1.67 42.87
C THR C 197 -1.39 2.78 43.11
N GLU C 198 -1.05 3.03 44.37
CA GLU C 198 -0.09 4.05 44.72
C GLU C 198 1.19 3.41 45.24
N LYS C 199 2.32 4.04 44.93
CA LYS C 199 3.65 3.62 45.37
C LYS C 199 4.31 4.81 46.04
N LYS C 200 4.58 4.69 47.34
CA LYS C 200 5.09 5.80 48.13
C LYS C 200 6.43 5.45 48.75
N THR C 201 7.34 6.42 48.74
CA THR C 201 8.62 6.33 49.42
C THR C 201 8.50 7.08 50.76
N GLU C 202 8.79 6.39 51.86
CA GLU C 202 8.52 6.96 53.17
C GLU C 202 9.60 6.56 54.16
N SER C 203 10.17 7.56 54.84
CA SER C 203 11.12 7.33 55.92
C SER C 203 10.35 6.93 57.17
N THR C 204 10.50 5.69 57.60
CA THR C 204 9.75 5.15 58.74
C THR C 204 10.69 4.44 59.71
N PHE C 205 10.12 3.67 60.63
CA PHE C 205 10.90 2.89 61.59
C PHE C 205 10.42 1.45 61.59
N LEU C 206 11.30 0.56 62.07
CA LEU C 206 10.97 -0.86 62.16
C LEU C 206 11.45 -1.41 63.50
N TRP C 207 10.56 -2.11 64.20
CA TRP C 207 10.92 -2.78 65.45
C TRP C 207 11.72 -4.03 65.12
N CYS C 208 12.99 -4.06 65.54
CA CYS C 208 13.87 -5.15 65.19
C CYS C 208 14.66 -5.60 66.41
N PHE C 209 15.31 -6.76 66.26
CA PHE C 209 16.17 -7.33 67.28
C PHE C 209 17.61 -7.31 66.78
N LYS C 210 18.51 -6.82 67.64
CA LYS C 210 19.91 -6.61 67.33
C LYS C 210 20.74 -7.57 68.17
N GLU C 211 21.36 -8.55 67.51
CA GLU C 211 22.08 -9.62 68.18
C GLU C 211 23.39 -9.90 67.45
N HIS C 212 24.50 -9.71 68.15
CA HIS C 212 25.81 -10.04 67.60
C HIS C 212 25.91 -11.54 67.31
N ILE C 213 26.59 -11.88 66.22
CA ILE C 213 26.79 -13.28 65.85
C ILE C 213 27.75 -13.94 66.83
N PHE C 239 27.11 -7.81 63.82
CA PHE C 239 25.75 -7.80 64.34
C PHE C 239 24.76 -8.36 63.33
N ASN C 240 23.60 -8.79 63.84
CA ASN C 240 22.48 -9.23 63.03
C ASN C 240 21.23 -8.48 63.44
N TYR C 241 20.36 -8.23 62.47
CA TYR C 241 19.15 -7.44 62.67
C TYR C 241 17.97 -8.19 62.10
N TYR C 242 16.97 -8.46 62.95
CA TYR C 242 15.78 -9.22 62.54
C TYR C 242 14.56 -8.32 62.68
N CYS C 243 13.82 -8.15 61.57
CA CYS C 243 12.83 -7.09 61.45
C CYS C 243 11.48 -7.63 60.99
N ARG C 244 10.45 -6.83 61.28
CA ARG C 244 9.06 -7.15 60.96
C ARG C 244 8.35 -5.88 60.50
N ASP C 245 7.41 -6.03 59.56
CA ASP C 245 6.61 -4.89 59.10
C ASP C 245 5.19 -5.27 58.75
N ASN C 246 4.92 -5.52 57.47
CA ASN C 246 3.57 -5.58 56.93
C ASN C 246 3.12 -7.02 56.72
N GLY C 247 3.05 -7.76 57.82
CA GLY C 247 2.90 -9.19 57.72
C GLY C 247 4.12 -9.87 57.15
N TYR C 248 5.25 -9.17 57.12
CA TYR C 248 6.49 -9.67 56.56
C TYR C 248 7.57 -9.72 57.63
N TYR C 249 8.46 -10.70 57.51
CA TYR C 249 9.51 -10.94 58.48
C TYR C 249 10.81 -11.20 57.73
N PHE C 250 11.87 -10.49 58.10
CA PHE C 250 13.06 -10.48 57.25
C PHE C 250 14.22 -9.89 58.01
N GLU C 251 15.41 -10.43 57.74
CA GLU C 251 16.63 -9.76 58.17
C GLU C 251 16.84 -8.48 57.37
N LEU C 252 17.62 -7.57 57.94
CA LEU C 252 18.01 -6.34 57.25
C LEU C 252 19.48 -6.08 57.56
N PRO C 253 20.39 -6.53 56.69
CA PRO C 253 21.83 -6.30 56.93
C PRO C 253 22.21 -4.84 56.80
N ALA C 254 23.51 -4.56 56.91
CA ALA C 254 24.01 -3.20 56.82
C ALA C 254 24.45 -2.89 55.40
N ASN C 255 24.09 -1.69 54.93
CA ASN C 255 24.54 -1.17 53.64
C ASN C 255 24.07 -2.06 52.48
N ARG C 256 22.77 -2.40 52.51
CA ARG C 256 22.20 -3.28 51.50
C ARG C 256 20.72 -2.96 51.33
N LEU C 257 20.19 -3.27 50.16
CA LEU C 257 18.78 -3.09 49.84
C LEU C 257 18.06 -4.41 50.02
N VAL C 258 16.91 -4.38 50.68
CA VAL C 258 16.13 -5.59 50.94
C VAL C 258 14.75 -5.41 50.31
N CYS C 259 14.50 -6.12 49.22
CA CYS C 259 13.23 -6.00 48.50
C CYS C 259 12.41 -7.28 48.69
N LEU C 260 11.24 -7.12 49.15
CA LEU C 260 9.97 -7.78 49.39
C LEU C 260 9.03 -7.55 48.22
N PRO C 261 8.27 -8.58 47.81
CA PRO C 261 7.41 -8.42 46.62
C PRO C 261 6.62 -7.12 46.60
N THR C 262 6.05 -6.69 47.73
CA THR C 262 5.26 -5.47 47.76
C THR C 262 5.85 -4.41 48.69
N SER C 263 7.16 -4.43 48.90
CA SER C 263 7.82 -3.40 49.72
C SER C 263 9.32 -3.57 49.63
N CYS C 264 10.06 -2.48 49.89
CA CYS C 264 11.51 -2.54 49.94
C CYS C 264 12.02 -1.66 51.07
N TYR C 265 13.19 -2.00 51.59
CA TYR C 265 13.72 -1.38 52.80
C TYR C 265 15.21 -1.12 52.67
N LYS C 266 15.64 -0.04 53.33
CA LYS C 266 17.00 0.46 53.31
C LYS C 266 17.21 1.30 54.56
N ARG C 267 18.39 1.16 55.18
CA ARG C 267 18.70 1.92 56.38
C ARG C 267 18.86 3.40 56.04
N GLU C 268 18.24 4.27 56.85
CA GLU C 268 18.30 5.70 56.61
C GLU C 268 19.73 6.21 56.78
N GLY C 269 20.22 6.93 55.77
CA GLY C 269 21.57 7.45 55.83
C GLY C 269 22.66 6.42 55.61
N ALA C 270 22.31 5.26 55.04
CA ALA C 270 23.28 4.22 54.72
C ALA C 270 23.54 4.24 53.22
N ILE C 271 24.47 3.40 52.78
CA ILE C 271 24.87 3.33 51.37
C ILE C 271 24.61 1.92 50.87
N VAL C 272 23.95 1.83 49.72
CA VAL C 272 23.40 0.58 49.22
C VAL C 272 24.17 0.15 47.98
N ASN C 273 24.28 -1.15 47.77
CA ASN C 273 24.91 -1.68 46.57
C ASN C 273 24.15 -1.21 45.33
N THR C 274 24.89 -0.88 44.26
CA THR C 274 24.26 -0.46 43.01
C THR C 274 23.23 -1.50 42.55
N MET C 275 23.59 -2.77 42.55
CA MET C 275 22.56 -3.82 42.50
C MET C 275 22.93 -4.90 43.50
N HIS C 276 22.96 -6.17 43.09
CA HIS C 276 23.26 -7.29 43.97
C HIS C 276 22.53 -7.23 45.31
N PRO C 277 21.22 -7.00 45.31
CA PRO C 277 20.50 -6.92 46.58
C PRO C 277 19.89 -8.26 46.96
N ASN C 278 19.52 -8.36 48.24
CA ASN C 278 18.83 -9.56 48.72
C ASN C 278 17.34 -9.37 48.47
N THR C 279 16.95 -9.57 47.22
CA THR C 279 15.57 -9.47 46.81
C THR C 279 14.88 -10.83 46.87
N TRP C 280 13.57 -10.84 46.68
CA TRP C 280 12.78 -12.04 46.83
C TRP C 280 12.89 -12.91 45.57
N LYS C 281 12.99 -14.22 45.79
CA LYS C 281 13.04 -15.17 44.69
C LYS C 281 11.70 -15.20 43.97
N VAL C 282 11.73 -15.02 42.65
CA VAL C 282 10.51 -15.19 41.86
C VAL C 282 10.06 -16.65 41.89
N SER C 283 11.03 -17.58 41.89
CA SER C 283 10.72 -19.00 41.89
C SER C 283 9.95 -19.43 43.12
N GLU C 284 9.99 -18.64 44.20
CA GLU C 284 9.34 -19.03 45.44
C GLU C 284 7.87 -18.67 45.49
N LYS C 285 7.43 -17.71 44.68
CA LYS C 285 6.01 -17.38 44.62
C LYS C 285 5.30 -18.05 43.44
N LEU C 286 6.05 -18.51 42.43
CA LEU C 286 5.47 -19.36 41.40
C LEU C 286 5.32 -20.79 41.89
N HIS C 287 6.37 -21.34 42.48
CA HIS C 287 6.39 -22.73 42.91
C HIS C 287 5.80 -22.86 44.32
N SER C 288 5.00 -23.89 44.51
CA SER C 288 4.38 -24.17 45.80
C SER C 288 5.31 -25.01 46.65
N ALA C 289 5.18 -24.85 47.97
CA ALA C 289 5.95 -25.64 48.91
C ALA C 289 5.32 -27.02 49.09
N SER C 290 6.14 -27.99 49.46
CA SER C 290 5.67 -29.36 49.63
C SER C 290 5.14 -29.57 51.05
N GLN C 291 4.27 -30.58 51.18
CA GLN C 291 3.82 -30.99 52.51
C GLN C 291 4.98 -31.34 53.42
N PHE C 292 6.06 -31.89 52.84
CA PHE C 292 7.25 -32.21 53.63
C PHE C 292 7.90 -30.95 54.18
N ASP C 293 7.82 -29.83 53.46
CA ASP C 293 8.38 -28.58 53.95
C ASP C 293 7.61 -28.08 55.16
N VAL C 294 6.28 -28.04 55.06
CA VAL C 294 5.47 -27.55 56.17
C VAL C 294 5.59 -28.48 57.36
N ASN C 295 5.57 -29.80 57.13
CA ASN C 295 5.78 -30.75 58.21
C ASN C 295 7.14 -30.55 58.87
N ASN C 296 8.17 -30.26 58.06
CA ASN C 296 9.48 -29.99 58.61
C ASN C 296 9.47 -28.73 59.47
N VAL C 297 8.74 -27.70 59.03
CA VAL C 297 8.56 -26.50 59.84
C VAL C 297 7.91 -26.84 61.17
N VAL C 298 6.91 -27.74 61.13
CA VAL C 298 6.26 -28.17 62.37
C VAL C 298 7.25 -28.86 63.29
N HIS C 299 8.06 -29.77 62.73
CA HIS C 299 9.02 -30.49 63.55
C HIS C 299 10.06 -29.55 64.15
N SER C 300 10.45 -28.52 63.40
CA SER C 300 11.35 -27.50 63.94
C SER C 300 10.67 -26.73 65.07
N LEU C 301 9.40 -26.41 64.91
CA LEU C 301 8.65 -25.76 65.98
C LEU C 301 8.62 -26.63 67.22
N VAL C 302 8.49 -27.95 67.05
CA VAL C 302 8.54 -28.87 68.18
C VAL C 302 9.91 -28.85 68.85
N TYR C 303 10.96 -29.04 68.04
CA TYR C 303 12.33 -29.02 68.55
C TYR C 303 12.64 -27.72 69.28
N GLU C 304 12.03 -26.61 68.87
CA GLU C 304 12.19 -25.35 69.57
C GLU C 304 11.44 -25.36 70.90
N THR C 305 10.16 -25.73 70.85
CA THR C 305 9.32 -25.69 72.05
C THR C 305 9.86 -26.61 73.14
N GLU C 306 10.56 -27.67 72.78
CA GLU C 306 11.24 -28.49 73.79
C GLU C 306 12.29 -27.68 74.53
N GLY C 307 13.08 -26.89 73.81
CA GLY C 307 14.05 -26.03 74.47
C GLY C 307 13.39 -24.96 75.33
N LEU C 308 12.30 -24.38 74.83
CA LEU C 308 11.55 -23.42 75.64
C LEU C 308 11.07 -24.05 76.95
N ARG C 309 10.50 -25.27 76.86
CA ARG C 309 10.09 -26.00 78.05
C ARG C 309 11.26 -26.20 79.01
N LEU C 310 12.42 -26.60 78.46
CA LEU C 310 13.58 -26.83 79.31
C LEU C 310 13.97 -25.56 80.06
N ALA C 311 14.09 -24.44 79.35
CA ALA C 311 14.50 -23.19 80.00
C ALA C 311 13.49 -22.76 81.06
N LEU C 312 12.20 -22.71 80.69
CA LEU C 312 11.18 -22.27 81.64
C LEU C 312 11.13 -23.15 82.87
N SER C 313 11.25 -24.47 82.68
CA SER C 313 11.27 -25.37 83.83
C SER C 313 12.50 -25.15 84.70
N GLN C 314 13.65 -24.89 84.07
CA GLN C 314 14.87 -24.63 84.83
C GLN C 314 14.71 -23.39 85.71
N LEU C 315 14.17 -22.31 85.14
CA LEU C 315 13.99 -21.10 85.94
C LEU C 315 12.90 -21.26 86.99
N ASP C 316 11.90 -22.11 86.72
CA ASP C 316 10.95 -22.49 87.76
C ASP C 316 11.68 -23.14 88.93
N HIS C 317 12.58 -24.08 88.64
CA HIS C 317 13.39 -24.70 89.68
C HIS C 317 14.22 -23.66 90.42
N ARG C 318 14.75 -22.67 89.70
CA ARG C 318 15.45 -21.58 90.36
C ARG C 318 14.55 -20.86 91.36
N PHE C 319 13.30 -20.59 90.96
CA PHE C 319 12.36 -19.97 91.89
C PHE C 319 12.09 -20.85 93.10
N ALA C 320 12.07 -22.18 92.91
CA ALA C 320 11.93 -23.08 94.06
C ALA C 320 13.11 -22.94 95.01
N THR C 321 14.33 -22.91 94.46
CA THR C 321 15.52 -22.75 95.29
C THR C 321 15.47 -21.45 96.09
N LEU C 322 15.20 -20.33 95.39
CA LEU C 322 15.08 -19.05 96.09
C LEU C 322 13.97 -19.09 97.14
N SER C 323 12.89 -19.84 96.88
CA SER C 323 11.85 -20.01 97.88
C SER C 323 12.40 -20.66 99.15
N ARG C 324 13.13 -21.76 99.00
CA ARG C 324 13.68 -22.44 100.17
C ARG C 324 14.65 -21.55 100.92
N LEU C 325 15.64 -21.00 100.22
CA LEU C 325 16.66 -20.19 100.88
C LEU C 325 16.04 -18.98 101.58
N PHE C 326 15.17 -18.25 100.88
CA PHE C 326 14.49 -17.12 101.49
C PHE C 326 13.66 -17.55 102.69
N ASN C 327 13.07 -18.76 102.64
CA ASN C 327 12.32 -19.26 103.78
C ASN C 327 13.20 -19.45 105.00
N ARG C 328 14.32 -20.17 104.84
CA ARG C 328 15.20 -20.43 105.98
C ARG C 328 15.76 -19.12 106.54
N LEU C 329 16.24 -18.24 105.66
CA LEU C 329 16.78 -16.96 106.12
C LEU C 329 15.71 -16.14 106.84
N THR C 330 14.46 -16.18 106.34
CA THR C 330 13.37 -15.53 107.05
C THR C 330 13.17 -16.13 108.44
N GLN C 331 13.29 -17.46 108.55
CA GLN C 331 13.24 -18.08 109.87
C GLN C 331 14.32 -17.53 110.78
N SER C 332 15.51 -17.26 110.23
CA SER C 332 16.59 -16.74 111.05
C SER C 332 16.29 -15.32 111.51
N LEU C 333 16.00 -14.41 110.58
CA LEU C 333 15.85 -13.00 110.95
C LEU C 333 14.58 -12.77 111.78
N ALA C 334 13.54 -13.57 111.56
CA ALA C 334 12.28 -13.38 112.28
C ALA C 334 12.39 -13.74 113.75
N LYS C 335 13.35 -14.59 114.14
CA LYS C 335 13.62 -14.82 115.55
C LYS C 335 14.25 -13.63 116.23
N ILE C 336 14.69 -12.63 115.47
CA ILE C 336 15.24 -11.40 116.02
C ILE C 336 14.25 -10.24 115.91
N ASP C 337 13.53 -10.17 114.78
CA ASP C 337 12.53 -9.14 114.54
C ASP C 337 11.17 -9.84 114.41
N ASP C 338 10.30 -9.63 115.40
CA ASP C 338 9.00 -10.28 115.42
C ASP C 338 7.93 -9.53 114.66
N ARG C 339 8.20 -8.29 114.23
CA ARG C 339 7.34 -7.58 113.30
C ARG C 339 7.69 -7.89 111.85
N LEU C 340 8.73 -8.70 111.63
CA LEU C 340 9.21 -8.97 110.27
C LEU C 340 8.18 -9.74 109.46
N LEU C 341 7.74 -10.89 109.97
CA LEU C 341 6.72 -11.67 109.27
C LEU C 341 5.45 -10.87 109.04
N GLY C 342 5.12 -9.96 109.96
CA GLY C 342 3.95 -9.13 109.78
C GLY C 342 4.04 -8.26 108.55
N THR C 343 5.13 -7.50 108.42
CA THR C 343 5.30 -6.65 107.24
C THR C 343 5.67 -7.45 106.00
N LEU C 344 6.03 -8.73 106.14
CA LEU C 344 6.19 -9.58 104.96
C LEU C 344 4.84 -10.10 104.47
N LEU C 345 3.86 -10.23 105.35
CA LEU C 345 2.50 -10.53 104.96
C LEU C 345 1.67 -9.29 104.69
N GLY C 346 2.16 -8.11 105.10
CA GLY C 346 1.35 -6.90 105.09
C GLY C 346 0.40 -6.77 106.26
N GLN C 347 0.08 -7.87 106.94
CA GLN C 347 -0.79 -7.83 108.10
C GLN C 347 0.01 -7.40 109.33
N ASP C 348 -0.53 -6.47 110.10
CA ASP C 348 0.16 -5.99 111.29
C ASP C 348 -0.01 -7.02 112.39
N VAL C 349 1.08 -7.74 112.71
CA VAL C 349 1.04 -8.84 113.65
C VAL C 349 2.45 -9.06 114.17
N SER C 350 2.57 -9.75 115.30
CA SER C 350 3.85 -10.10 115.89
C SER C 350 3.97 -11.61 115.97
N SER C 351 5.20 -12.10 115.83
CA SER C 351 5.47 -13.53 115.79
C SER C 351 6.29 -13.96 116.99
N LYS C 352 6.07 -15.20 117.44
CA LYS C 352 6.82 -15.78 118.55
C LYS C 352 7.13 -17.23 118.21
N PHE C 353 8.41 -17.54 118.09
CA PHE C 353 8.85 -18.88 117.67
C PHE C 353 8.94 -19.79 118.88
N ILE C 354 8.09 -20.83 118.90
CA ILE C 354 8.21 -21.88 119.91
C ILE C 354 9.11 -23.02 119.44
N SER C 355 9.64 -22.94 118.23
CA SER C 355 10.44 -24.00 117.63
C SER C 355 11.46 -23.37 116.69
N PRO C 356 12.38 -24.16 116.10
CA PRO C 356 13.25 -23.60 115.06
C PRO C 356 12.51 -23.20 113.79
N THR C 357 11.27 -23.65 113.60
CA THR C 357 10.55 -23.38 112.35
C THR C 357 9.10 -22.93 112.57
N LYS C 358 8.43 -23.46 113.58
CA LYS C 358 7.01 -23.23 113.80
C LYS C 358 6.82 -22.10 114.81
N PHE C 359 5.81 -21.27 114.59
CA PHE C 359 5.68 -20.00 115.30
C PHE C 359 4.22 -19.64 115.52
N MET C 360 4.00 -18.57 116.27
CA MET C 360 2.68 -18.07 116.63
C MET C 360 2.57 -16.59 116.27
N LEU C 361 1.33 -16.11 116.21
CA LEU C 361 1.04 -14.73 115.83
C LEU C 361 0.16 -14.05 116.87
N SER C 362 0.23 -12.72 116.91
CA SER C 362 -0.52 -11.88 117.84
C SER C 362 -0.68 -10.47 117.28
N PRO C 363 -1.91 -10.05 116.96
CA PRO C 363 -2.09 -8.84 116.16
C PRO C 363 -2.41 -7.58 116.95
N CYS C 364 -2.05 -6.43 116.38
CA CYS C 364 -2.30 -5.11 116.97
C CYS C 364 -1.80 -4.04 116.00
N LEU C 365 -2.36 -2.84 116.14
CA LEU C 365 -1.86 -1.64 115.46
C LEU C 365 -2.47 -0.40 116.10
N SER C 400 11.75 12.20 99.88
CA SER C 400 12.52 10.96 99.91
C SER C 400 12.75 10.41 98.51
N GLN C 401 14.01 10.30 98.11
CA GLN C 401 14.36 9.69 96.84
C GLN C 401 14.23 8.16 96.95
N PRO C 402 13.82 7.49 95.89
CA PRO C 402 13.72 6.03 95.91
C PRO C 402 14.97 5.33 95.41
N VAL C 403 15.17 4.11 95.93
CA VAL C 403 16.35 3.30 95.63
C VAL C 403 15.90 1.97 95.02
N ASP C 404 16.53 1.58 93.92
CA ASP C 404 16.21 0.32 93.23
C ASP C 404 17.42 -0.59 93.31
N LEU C 405 17.29 -1.68 94.08
CA LEU C 405 18.37 -2.64 94.27
C LEU C 405 18.43 -3.68 93.15
N TYR C 406 17.38 -3.81 92.34
CA TYR C 406 17.26 -4.93 91.42
C TYR C 406 17.53 -4.57 89.97
N SER C 407 17.23 -3.33 89.57
CA SER C 407 17.38 -2.89 88.18
C SER C 407 16.55 -3.75 87.21
N PHE C 408 15.46 -4.33 87.72
CA PHE C 408 14.56 -5.12 86.88
C PHE C 408 13.89 -4.20 85.87
N LYS C 409 14.20 -4.38 84.60
CA LYS C 409 13.62 -3.57 83.55
C LYS C 409 12.45 -4.29 82.89
N GLU C 410 11.81 -3.60 81.96
CA GLU C 410 10.64 -4.09 81.25
C GLU C 410 10.91 -5.44 80.61
N LEU C 411 10.09 -6.43 80.99
CA LEU C 411 10.16 -7.77 80.39
C LEU C 411 9.34 -7.77 79.12
N TRP C 412 10.01 -7.80 77.97
CA TRP C 412 9.29 -7.79 76.71
C TRP C 412 8.64 -9.15 76.46
N LEU C 413 7.35 -9.13 76.11
CA LEU C 413 6.57 -10.32 75.85
C LEU C 413 6.38 -10.53 74.36
N PRO C 414 6.47 -11.78 73.88
CA PRO C 414 6.27 -12.05 72.46
C PRO C 414 4.85 -11.68 72.03
N GLN C 415 4.74 -10.95 70.93
CA GLN C 415 3.44 -10.55 70.42
C GLN C 415 2.97 -11.52 69.35
N LEU C 416 1.65 -11.59 69.18
CA LEU C 416 1.04 -12.54 68.25
C LEU C 416 1.33 -12.09 66.83
N LEU C 417 2.14 -12.88 66.12
CA LEU C 417 2.66 -12.48 64.83
C LEU C 417 1.62 -12.68 63.73
N ASP C 418 1.24 -11.60 63.07
CA ASP C 418 0.42 -11.68 61.86
C ASP C 418 1.32 -11.99 60.68
N VAL C 419 1.08 -13.13 60.03
CA VAL C 419 1.94 -13.63 58.97
C VAL C 419 1.19 -13.62 57.66
N ASN C 420 1.92 -13.37 56.57
CA ASN C 420 1.32 -13.28 55.24
C ASN C 420 1.41 -14.63 54.54
N VAL C 421 0.26 -15.18 54.17
CA VAL C 421 0.17 -16.37 53.33
C VAL C 421 -0.65 -16.00 52.09
N LYS C 422 -0.08 -16.25 50.91
CA LYS C 422 -0.69 -15.76 49.68
C LYS C 422 -0.88 -16.87 48.65
N GLY C 423 0.04 -17.82 48.60
CA GLY C 423 -0.04 -18.90 47.63
C GLY C 423 0.74 -18.59 46.36
N VAL C 424 0.44 -19.37 45.33
CA VAL C 424 1.20 -19.30 44.08
C VAL C 424 0.50 -18.36 43.11
N VAL C 425 1.23 -17.97 42.06
CA VAL C 425 0.72 -17.01 41.09
C VAL C 425 -0.27 -17.68 40.14
N ALA C 426 -0.02 -18.94 39.79
CA ALA C 426 -0.90 -19.64 38.85
C ALA C 426 -2.33 -19.70 39.37
N ASP C 427 -2.52 -19.63 40.68
CA ASP C 427 -3.84 -19.69 41.28
C ASP C 427 -4.45 -18.30 41.48
N GLU C 428 -3.81 -17.24 41.00
CA GLU C 428 -4.50 -15.97 40.85
C GLU C 428 -5.61 -16.15 39.84
N GLU C 429 -6.81 -15.65 40.18
CA GLU C 429 -8.00 -16.00 39.42
C GLU C 429 -7.93 -15.55 37.96
N GLY C 430 -7.13 -14.52 37.67
CA GLY C 430 -6.96 -14.12 36.28
C GLY C 430 -6.17 -15.13 35.48
N TRP C 431 -4.98 -15.48 35.98
CA TRP C 431 -4.19 -16.51 35.31
C TRP C 431 -4.90 -17.87 35.34
N SER C 432 -5.62 -18.16 36.42
CA SER C 432 -6.46 -19.35 36.44
C SER C 432 -7.48 -19.33 35.31
N PHE C 433 -8.08 -18.16 35.04
CA PHE C 433 -8.98 -18.02 33.91
C PHE C 433 -8.26 -18.26 32.59
N VAL C 434 -7.03 -17.75 32.47
CA VAL C 434 -6.26 -17.96 31.24
C VAL C 434 -6.04 -19.45 30.99
N ALA C 435 -5.45 -20.14 31.98
CA ALA C 435 -5.18 -21.56 31.83
C ALA C 435 -6.45 -22.36 31.58
N GLN C 436 -7.54 -21.99 32.26
CA GLN C 436 -8.81 -22.69 32.04
C GLN C 436 -9.29 -22.50 30.61
N SER C 437 -9.16 -21.29 30.06
CA SER C 437 -9.58 -21.06 28.68
C SER C 437 -8.71 -21.86 27.71
N LYS C 438 -7.40 -21.93 27.97
CA LYS C 438 -6.55 -22.80 27.16
C LYS C 438 -7.03 -24.25 27.21
N GLN C 439 -7.39 -24.73 28.41
CA GLN C 439 -7.89 -26.09 28.55
C GLN C 439 -9.18 -26.28 27.76
N ALA C 440 -10.03 -25.26 27.73
CA ALA C 440 -11.24 -25.34 26.90
C ALA C 440 -10.88 -25.42 25.43
N LEU C 441 -9.87 -24.66 25.00
CA LEU C 441 -9.44 -24.71 23.60
C LEU C 441 -8.98 -26.11 23.23
N ILE C 442 -8.07 -26.69 24.02
CA ILE C 442 -7.59 -28.03 23.67
C ILE C 442 -8.69 -29.07 23.86
N ASP C 443 -9.70 -28.79 24.69
CA ASP C 443 -10.81 -29.72 24.83
C ASP C 443 -11.67 -29.75 23.58
N THR C 444 -12.00 -28.58 23.03
CA THR C 444 -12.88 -28.53 21.87
C THR C 444 -12.19 -28.88 20.56
N MET C 445 -10.85 -28.78 20.50
CA MET C 445 -10.10 -29.05 19.29
C MET C 445 -9.70 -30.51 19.14
N THR C 446 -10.30 -31.41 19.92
CA THR C 446 -9.93 -32.82 19.87
C THR C 446 -10.14 -33.42 18.49
N TYR C 447 -11.40 -33.61 18.10
CA TYR C 447 -11.70 -34.24 16.82
C TYR C 447 -12.67 -33.37 16.02
N THR C 448 -12.42 -33.30 14.72
CA THR C 448 -13.26 -32.51 13.81
C THR C 448 -14.62 -33.16 13.63
N LYS C 449 -15.65 -32.32 13.48
CA LYS C 449 -17.02 -32.78 13.30
C LYS C 449 -17.56 -32.32 11.96
N ASN C 450 -18.45 -33.13 11.39
CA ASN C 450 -19.07 -32.84 10.10
C ASN C 450 -20.37 -32.08 10.37
N GLY C 451 -20.35 -30.77 10.09
CA GLY C 451 -21.48 -29.93 10.47
C GLY C 451 -22.63 -29.92 9.51
N GLY C 452 -22.40 -30.30 8.25
CA GLY C 452 -23.46 -30.31 7.26
C GLY C 452 -24.58 -31.29 7.56
#